data_1RY0
#
_entry.id   1RY0
#
_cell.length_a   46.97
_cell.length_b   49.18
_cell.length_c   83.52
_cell.angle_alpha   73.8
_cell.angle_beta   85.9
_cell.angle_gamma   69.8
#
_symmetry.space_group_name_H-M   'P 1'
#
loop_
_entity.id
_entity.type
_entity.pdbx_description
1 polymer 'Aldo-keto reductase family 1 member C3'
2 non-polymer 'NADP NICOTINAMIDE-ADENINE-DINUCLEOTIDE PHOSPHATE'
3 non-polymer 'PROSTAGLANDIN D2'
4 water water
#
_entity_poly.entity_id   1
_entity_poly.type   'polypeptide(L)'
_entity_poly.pdbx_seq_one_letter_code
;MDSKQQCVKLNDGHFMPVLGFGTYAPPEVPRSKALEVTKLAIEAGFRHIDSAHLYNNEEQVGLAIRSKIADGSVKREDIF
YTSKLWSTFHRPELVRPALENSLKKAQLDYVDLYLIHSPMSLKPGEELSPTDENGKVIFDIVDLCTTWEAMEKCKDAGLA
KSIGVSNFNRRQLEMILNKPGLKYKPVCNQVECHPYFNRSKLLDFCKSKDIVLVAYSALGSQRDKRWVDPNSPVLLEDPV
LCALAKKHKRTPALIALRYQLQRGVVVLAKSYNEQRIRQNVQVFEFQLTAEDMKAIDGLDRNLHYFNSDSFASHPNYPYS
DEY
;
_entity_poly.pdbx_strand_id   A,B
#
loop_
_chem_comp.id
_chem_comp.type
_chem_comp.name
_chem_comp.formula
NAP non-polymer 'NADP NICOTINAMIDE-ADENINE-DINUCLEOTIDE PHOSPHATE' 'C21 H28 N7 O17 P3'
PG2 non-polymer 'PROSTAGLANDIN D2' 'C20 H32 O5'
#
# COMPACT_ATOMS: atom_id res chain seq x y z
N GLN A 5 26.28 11.85 19.13
CA GLN A 5 24.86 12.11 18.79
C GLN A 5 24.74 13.27 17.81
N GLN A 6 23.61 13.98 17.87
CA GLN A 6 23.31 15.12 17.00
C GLN A 6 21.91 15.64 17.36
N CYS A 7 21.61 16.88 17.01
CA CYS A 7 20.30 17.46 17.32
C CYS A 7 19.65 18.16 16.13
N VAL A 8 18.34 18.32 16.23
CA VAL A 8 17.55 19.00 15.21
C VAL A 8 16.84 20.16 15.92
N LYS A 9 16.84 21.33 15.30
CA LYS A 9 16.18 22.49 15.89
C LYS A 9 14.69 22.46 15.58
N LEU A 10 13.87 22.49 16.63
CA LEU A 10 12.43 22.46 16.48
C LEU A 10 11.90 23.82 16.03
N ASN A 11 10.67 23.86 15.52
CA ASN A 11 10.10 25.14 15.07
C ASN A 11 9.78 25.97 16.31
N ASP A 12 10.21 25.43 17.44
CA ASP A 12 10.06 25.99 18.79
C ASP A 12 11.31 26.79 19.15
N GLY A 13 12.42 26.46 18.50
CA GLY A 13 13.68 27.10 18.79
C GLY A 13 14.48 26.12 19.64
N HIS A 14 13.76 25.17 20.23
CA HIS A 14 14.35 24.15 21.07
C HIS A 14 15.03 23.09 20.22
N PHE A 15 15.82 22.24 20.87
CA PHE A 15 16.55 21.19 20.17
C PHE A 15 16.20 19.80 20.66
N MET A 16 16.10 18.87 19.72
CA MET A 16 15.76 17.48 19.99
C MET A 16 16.84 16.55 19.45
N PRO A 17 17.44 15.72 20.31
CA PRO A 17 18.47 14.78 19.86
C PRO A 17 17.83 13.85 18.83
N VAL A 18 18.47 13.71 17.68
CA VAL A 18 17.93 12.88 16.60
C VAL A 18 17.84 11.39 16.91
N LEU A 19 18.43 10.96 18.03
CA LEU A 19 18.36 9.56 18.43
C LEU A 19 17.68 9.50 19.80
N GLY A 20 16.56 8.79 19.89
CA GLY A 20 15.84 8.68 21.14
C GLY A 20 15.71 7.27 21.67
N PHE A 21 15.62 7.15 22.99
CA PHE A 21 15.49 5.86 23.64
C PHE A 21 14.04 5.51 23.94
N GLY A 22 13.56 4.42 23.36
CA GLY A 22 12.19 4.00 23.59
C GLY A 22 12.11 3.24 24.91
N THR A 23 11.21 3.66 25.79
CA THR A 23 11.11 3.01 27.09
C THR A 23 10.00 1.99 27.31
N TYR A 24 9.09 1.81 26.36
CA TYR A 24 8.03 0.84 26.60
C TYR A 24 8.48 -0.61 26.65
N ALA A 25 7.93 -1.33 27.62
CA ALA A 25 8.20 -2.74 27.80
C ALA A 25 6.87 -3.34 28.27
N PRO A 26 6.54 -4.55 27.78
CA PRO A 26 5.29 -5.21 28.17
C PRO A 26 5.13 -5.34 29.69
N PRO A 27 3.87 -5.39 30.17
CA PRO A 27 3.55 -5.52 31.59
C PRO A 27 4.19 -6.73 32.26
N GLU A 28 4.66 -7.67 31.45
CA GLU A 28 5.28 -8.88 31.98
C GLU A 28 6.69 -8.61 32.48
N VAL A 29 7.32 -7.54 31.99
CA VAL A 29 8.67 -7.22 32.41
C VAL A 29 8.62 -6.41 33.71
N PRO A 30 9.49 -6.75 34.68
CA PRO A 30 9.55 -6.07 35.98
C PRO A 30 9.80 -4.57 35.79
N ARG A 31 9.00 -3.74 36.45
CA ARG A 31 9.15 -2.29 36.30
C ARG A 31 10.52 -1.78 36.74
N SER A 32 11.23 -2.58 37.52
CA SER A 32 12.57 -2.18 37.96
C SER A 32 13.49 -2.18 36.74
N LYS A 33 13.13 -2.94 35.71
CA LYS A 33 13.93 -2.99 34.48
C LYS A 33 13.99 -1.63 33.78
N ALA A 34 12.86 -0.92 33.77
CA ALA A 34 12.81 0.38 33.12
C ALA A 34 13.84 1.32 33.74
N LEU A 35 14.00 1.20 35.05
CA LEU A 35 14.97 2.02 35.78
C LEU A 35 16.40 1.65 35.37
N GLU A 36 16.71 0.37 35.42
CA GLU A 36 18.03 -0.12 35.06
C GLU A 36 18.47 0.21 33.63
N VAL A 37 17.61 -0.07 32.65
CA VAL A 37 17.97 0.20 31.26
C VAL A 37 18.04 1.67 30.85
N THR A 38 17.25 2.52 31.50
CA THR A 38 17.30 3.94 31.18
C THR A 38 18.66 4.49 31.61
N LYS A 39 19.17 3.94 32.72
CA LYS A 39 20.49 4.34 33.22
C LYS A 39 21.51 3.87 32.18
N LEU A 40 21.37 2.62 31.75
CA LEU A 40 22.28 2.06 30.74
C LEU A 40 22.24 2.89 29.47
N ALA A 41 21.03 3.30 29.05
CA ALA A 41 20.86 4.11 27.85
C ALA A 41 21.61 5.43 27.98
N ILE A 42 21.43 6.13 29.11
CA ILE A 42 22.12 7.39 29.31
C ILE A 42 23.63 7.17 29.32
N GLU A 43 24.05 6.12 30.01
CA GLU A 43 25.47 5.78 30.09
C GLU A 43 26.03 5.51 28.69
N ALA A 44 25.21 4.91 27.83
CA ALA A 44 25.61 4.60 26.46
C ALA A 44 25.73 5.87 25.62
N GLY A 45 24.97 6.90 25.98
CA GLY A 45 25.02 8.15 25.24
C GLY A 45 23.66 8.72 24.83
N PHE A 46 22.59 7.98 25.11
CA PHE A 46 21.24 8.43 24.77
C PHE A 46 20.92 9.65 25.61
N ARG A 47 20.39 10.69 24.98
CA ARG A 47 20.04 11.91 25.69
C ARG A 47 18.55 12.19 25.59
N HIS A 48 17.93 11.61 24.56
CA HIS A 48 16.50 11.77 24.29
C HIS A 48 15.84 10.50 24.83
N ILE A 49 14.87 10.67 25.72
CA ILE A 49 14.16 9.54 26.32
C ILE A 49 12.64 9.66 26.10
N ASP A 50 12.05 8.62 25.52
CA ASP A 50 10.61 8.60 25.21
C ASP A 50 9.75 7.76 26.14
N SER A 51 8.86 8.44 26.87
CA SER A 51 7.95 7.74 27.77
C SER A 51 6.52 8.22 27.56
N ALA A 52 5.61 7.82 28.44
CA ALA A 52 4.22 8.20 28.35
C ALA A 52 3.45 7.68 29.53
N HIS A 53 2.32 8.31 29.81
CA HIS A 53 1.47 7.88 30.91
C HIS A 53 1.05 6.43 30.72
N LEU A 54 0.72 6.07 29.48
CA LEU A 54 0.27 4.72 29.16
C LEU A 54 1.29 3.61 29.49
N TYR A 55 2.57 3.93 29.44
CA TYR A 55 3.63 2.94 29.68
C TYR A 55 3.80 2.45 31.12
N ASN A 56 3.18 3.12 32.07
CA ASN A 56 3.30 2.73 33.48
C ASN A 56 4.77 2.59 33.88
N ASN A 57 5.57 3.58 33.52
CA ASN A 57 7.00 3.54 33.86
C ASN A 57 7.64 4.91 34.08
N GLU A 58 6.83 5.96 34.06
CA GLU A 58 7.38 7.30 34.24
C GLU A 58 8.10 7.46 35.58
N GLU A 59 7.65 6.74 36.58
CA GLU A 59 8.28 6.78 37.90
C GLU A 59 9.71 6.27 37.80
N GLN A 60 9.87 5.12 37.14
CA GLN A 60 11.17 4.50 36.96
C GLN A 60 12.09 5.27 36.03
N VAL A 61 11.54 5.77 34.92
CA VAL A 61 12.34 6.54 33.97
C VAL A 61 12.83 7.84 34.61
N GLY A 62 11.96 8.47 35.40
CA GLY A 62 12.33 9.70 36.07
C GLY A 62 13.38 9.39 37.11
N LEU A 63 13.28 8.22 37.72
CA LEU A 63 14.21 7.77 38.75
C LEU A 63 15.61 7.61 38.15
N ALA A 64 15.67 7.03 36.95
CA ALA A 64 16.95 6.82 36.28
C ALA A 64 17.59 8.15 35.96
N ILE A 65 16.79 9.09 35.46
CA ILE A 65 17.27 10.41 35.08
C ILE A 65 17.79 11.14 36.32
N ARG A 66 17.02 11.10 37.39
CA ARG A 66 17.38 11.74 38.65
C ARG A 66 18.69 11.13 39.16
N SER A 67 18.80 9.81 39.00
CA SER A 67 19.99 9.08 39.44
C SER A 67 21.25 9.45 38.66
N LYS A 68 21.10 9.63 37.34
CA LYS A 68 22.25 9.98 36.51
C LYS A 68 22.63 11.43 36.64
N ILE A 69 21.73 12.23 37.19
CA ILE A 69 22.00 13.65 37.40
C ILE A 69 22.81 13.74 38.69
N ALA A 70 22.41 12.95 39.68
CA ALA A 70 23.09 12.92 40.97
C ALA A 70 24.47 12.32 40.75
N ASP A 71 24.55 11.39 39.81
CA ASP A 71 25.78 10.71 39.43
C ASP A 71 26.80 11.74 38.98
N GLY A 72 26.31 12.83 38.42
CA GLY A 72 27.19 13.87 37.91
C GLY A 72 27.49 13.55 36.46
N SER A 73 26.84 12.49 35.95
CA SER A 73 27.02 12.05 34.57
C SER A 73 26.36 13.00 33.57
N VAL A 74 25.23 13.57 33.97
CA VAL A 74 24.50 14.51 33.12
C VAL A 74 23.77 15.55 33.97
N LYS A 75 23.34 16.62 33.31
CA LYS A 75 22.58 17.69 33.95
C LYS A 75 21.18 17.60 33.35
N ARG A 76 20.16 18.04 34.09
CA ARG A 76 18.79 17.99 33.60
C ARG A 76 18.64 18.55 32.19
N GLU A 77 19.28 19.69 31.91
CA GLU A 77 19.17 20.31 30.60
C GLU A 77 19.86 19.53 29.48
N ASP A 78 20.58 18.49 29.84
CA ASP A 78 21.27 17.67 28.84
C ASP A 78 20.32 16.56 28.37
N ILE A 79 19.28 16.31 29.16
CA ILE A 79 18.32 15.27 28.85
C ILE A 79 17.05 15.82 28.19
N PHE A 80 16.57 15.11 27.17
CA PHE A 80 15.34 15.49 26.48
C PHE A 80 14.32 14.40 26.82
N TYR A 81 13.42 14.74 27.73
CA TYR A 81 12.39 13.81 28.19
C TYR A 81 11.00 14.12 27.62
N THR A 82 10.36 13.12 27.04
CA THR A 82 9.03 13.35 26.51
C THR A 82 8.03 12.40 27.13
N SER A 83 6.83 12.92 27.37
CA SER A 83 5.73 12.12 27.90
C SER A 83 4.55 12.40 26.98
N LYS A 84 3.48 11.65 27.15
CA LYS A 84 2.32 11.79 26.30
C LYS A 84 1.00 11.78 27.07
N LEU A 85 0.08 12.61 26.59
CA LEU A 85 -1.24 12.73 27.16
C LEU A 85 -2.06 11.56 26.64
N TRP A 86 -2.57 10.72 27.54
CA TRP A 86 -3.38 9.60 27.09
C TRP A 86 -4.74 10.10 26.58
N SER A 87 -5.34 9.31 25.68
CA SER A 87 -6.61 9.61 25.02
C SER A 87 -7.84 9.78 25.90
N THR A 88 -7.73 9.42 27.16
CA THR A 88 -8.84 9.54 28.10
C THR A 88 -8.79 10.91 28.80
N PHE A 89 -7.81 11.72 28.42
CA PHE A 89 -7.62 13.06 29.01
C PHE A 89 -7.61 14.15 27.94
N HIS A 90 -8.32 13.91 26.83
CA HIS A 90 -8.38 14.86 25.74
C HIS A 90 -9.20 16.12 26.06
N ARG A 91 -10.22 15.99 26.90
CA ARG A 91 -11.04 17.15 27.24
C ARG A 91 -10.07 18.17 27.86
N PRO A 92 -10.09 19.41 27.36
CA PRO A 92 -9.22 20.50 27.80
C PRO A 92 -8.98 20.65 29.30
N GLU A 93 -9.99 20.40 30.12
CA GLU A 93 -9.82 20.55 31.56
C GLU A 93 -8.98 19.45 32.22
N LEU A 94 -8.74 18.35 31.50
CA LEU A 94 -7.97 17.25 32.04
C LEU A 94 -6.52 17.24 31.57
N VAL A 95 -6.17 18.16 30.67
CA VAL A 95 -4.83 18.23 30.13
C VAL A 95 -3.74 18.64 31.13
N ARG A 96 -3.83 19.83 31.71
CA ARG A 96 -2.82 20.24 32.68
C ARG A 96 -2.70 19.22 33.81
N PRO A 97 -3.83 18.81 34.41
CA PRO A 97 -3.81 17.83 35.50
C PRO A 97 -3.12 16.51 35.14
N ALA A 98 -3.29 16.07 33.90
CA ALA A 98 -2.66 14.84 33.44
C ALA A 98 -1.14 15.08 33.38
N LEU A 99 -0.74 16.22 32.84
CA LEU A 99 0.68 16.55 32.75
C LEU A 99 1.29 16.64 34.14
N GLU A 100 0.60 17.33 35.04
CA GLU A 100 1.09 17.50 36.41
C GLU A 100 1.29 16.16 37.08
N ASN A 101 0.43 15.19 36.78
CA ASN A 101 0.54 13.88 37.38
C ASN A 101 1.77 13.13 36.86
N SER A 102 2.08 13.32 35.58
CA SER A 102 3.23 12.68 34.97
C SER A 102 4.51 13.26 35.57
N LEU A 103 4.50 14.58 35.73
CA LEU A 103 5.62 15.33 36.31
C LEU A 103 5.84 14.88 37.75
N LYS A 104 4.74 14.65 38.46
CA LYS A 104 4.79 14.21 39.85
C LYS A 104 5.35 12.79 39.93
N LYS A 105 4.93 11.92 39.01
CA LYS A 105 5.42 10.56 39.01
C LYS A 105 6.92 10.54 38.73
N ALA A 106 7.33 11.30 37.72
CA ALA A 106 8.74 11.36 37.32
C ALA A 106 9.63 12.23 38.19
N GLN A 107 9.03 12.95 39.14
CA GLN A 107 9.77 13.88 40.01
C GLN A 107 10.59 14.86 39.18
N LEU A 108 9.96 15.44 38.17
CA LEU A 108 10.60 16.42 37.30
C LEU A 108 9.82 17.72 37.36
N ASP A 109 10.50 18.83 37.05
CA ASP A 109 9.88 20.14 37.07
C ASP A 109 9.17 20.42 35.76
N TYR A 110 9.70 19.86 34.69
CA TYR A 110 9.11 20.03 33.37
C TYR A 110 9.43 18.84 32.47
N VAL A 111 8.71 18.79 31.36
CA VAL A 111 8.89 17.74 30.37
C VAL A 111 9.45 18.50 29.17
N ASP A 112 10.43 17.93 28.47
CA ASP A 112 10.98 18.63 27.31
C ASP A 112 9.96 18.61 26.17
N LEU A 113 9.14 17.57 26.13
CA LEU A 113 8.14 17.43 25.08
C LEU A 113 6.92 16.70 25.60
N TYR A 114 5.75 17.27 25.34
CA TYR A 114 4.50 16.63 25.74
C TYR A 114 3.70 16.42 24.45
N LEU A 115 3.19 15.22 24.26
CA LEU A 115 2.44 14.94 23.05
C LEU A 115 1.03 14.43 23.29
N ILE A 116 0.16 14.70 22.32
CA ILE A 116 -1.17 14.13 22.37
C ILE A 116 -0.80 12.74 21.82
N HIS A 117 -0.95 11.71 22.64
CA HIS A 117 -0.58 10.36 22.28
C HIS A 117 -1.27 9.81 21.02
N SER A 118 -2.54 10.15 20.84
CA SER A 118 -3.31 9.66 19.71
C SER A 118 -4.56 10.52 19.52
N PRO A 119 -5.00 10.72 18.26
CA PRO A 119 -6.19 11.52 17.98
C PRO A 119 -7.51 10.85 18.37
N MET A 120 -7.46 9.55 18.65
CA MET A 120 -8.66 8.81 19.01
C MET A 120 -9.10 8.90 20.47
N SER A 121 -9.85 9.95 20.77
CA SER A 121 -10.35 10.19 22.12
C SER A 121 -11.11 9.03 22.71
N LEU A 122 -10.95 8.83 24.01
CA LEU A 122 -11.62 7.75 24.71
C LEU A 122 -12.40 8.36 25.88
N LYS A 123 -13.40 7.64 26.37
CA LYS A 123 -14.21 8.12 27.48
C LYS A 123 -13.35 8.57 28.65
N PRO A 124 -13.56 9.80 29.14
CA PRO A 124 -12.80 10.35 30.27
C PRO A 124 -12.81 9.44 31.50
N GLY A 125 -11.71 9.43 32.22
CA GLY A 125 -11.61 8.60 33.41
C GLY A 125 -10.18 8.23 33.76
N GLU A 126 -10.02 7.54 34.89
CA GLU A 126 -8.71 7.11 35.33
C GLU A 126 -8.32 5.85 34.59
N GLU A 127 -9.32 5.04 34.23
CA GLU A 127 -9.10 3.79 33.50
C GLU A 127 -8.58 4.12 32.09
N LEU A 128 -7.49 3.46 31.70
CA LEU A 128 -6.88 3.70 30.40
C LEU A 128 -7.65 3.12 29.21
N SER A 129 -8.37 2.03 29.43
CA SER A 129 -9.16 1.41 28.37
C SER A 129 -10.60 1.21 28.83
N PRO A 130 -11.43 2.24 28.70
CA PRO A 130 -12.83 2.13 29.12
C PRO A 130 -13.66 1.30 28.16
N THR A 131 -14.37 0.30 28.67
CA THR A 131 -15.21 -0.54 27.82
C THR A 131 -16.63 -0.66 28.38
N ASP A 132 -17.60 -0.80 27.49
CA ASP A 132 -19.00 -0.91 27.90
C ASP A 132 -19.38 -2.31 28.37
N GLU A 133 -20.68 -2.56 28.43
CA GLU A 133 -21.21 -3.85 28.86
C GLU A 133 -20.97 -4.96 27.85
N ASN A 134 -20.64 -4.59 26.62
CA ASN A 134 -20.38 -5.59 25.59
C ASN A 134 -18.91 -5.71 25.29
N GLY A 135 -18.07 -5.23 26.20
CA GLY A 135 -16.63 -5.33 26.05
C GLY A 135 -16.03 -4.50 24.94
N LYS A 136 -16.72 -3.44 24.52
CA LYS A 136 -16.19 -2.57 23.46
C LYS A 136 -15.61 -1.32 24.09
N VAL A 137 -14.41 -0.93 23.65
CA VAL A 137 -13.77 0.27 24.17
C VAL A 137 -14.67 1.45 23.84
N ILE A 138 -14.87 2.32 24.83
CA ILE A 138 -15.72 3.48 24.66
C ILE A 138 -15.00 4.72 24.14
N PHE A 139 -15.45 5.21 22.98
CA PHE A 139 -14.88 6.39 22.35
C PHE A 139 -15.50 7.63 22.97
N ASP A 140 -14.89 8.78 22.69
CA ASP A 140 -15.36 10.07 23.17
C ASP A 140 -15.21 11.02 22.01
N ILE A 141 -16.04 12.06 21.96
CA ILE A 141 -15.95 13.04 20.91
C ILE A 141 -15.39 14.33 21.51
N VAL A 142 -14.22 14.73 21.04
CA VAL A 142 -13.58 15.94 21.54
C VAL A 142 -12.94 16.74 20.41
N ASP A 143 -13.09 18.06 20.48
CA ASP A 143 -12.49 18.95 19.49
C ASP A 143 -11.00 19.01 19.84
N LEU A 144 -10.19 18.27 19.09
CA LEU A 144 -8.74 18.22 19.34
C LEU A 144 -8.09 19.58 19.34
N CYS A 145 -8.73 20.56 18.72
CA CYS A 145 -8.18 21.91 18.69
C CYS A 145 -8.26 22.50 20.10
N THR A 146 -9.27 22.09 20.86
CA THR A 146 -9.43 22.57 22.22
C THR A 146 -8.42 21.84 23.10
N THR A 147 -8.12 20.59 22.74
CA THR A 147 -7.14 19.83 23.48
C THR A 147 -5.80 20.51 23.26
N TRP A 148 -5.57 20.96 22.02
CA TRP A 148 -4.34 21.65 21.67
C TRP A 148 -4.20 22.98 22.41
N GLU A 149 -5.30 23.71 22.52
CA GLU A 149 -5.31 24.98 23.23
C GLU A 149 -4.80 24.76 24.67
N ALA A 150 -5.24 23.66 25.29
CA ALA A 150 -4.84 23.29 26.65
C ALA A 150 -3.34 22.91 26.68
N MET A 151 -2.85 22.34 25.59
CA MET A 151 -1.45 21.95 25.50
C MET A 151 -0.58 23.20 25.41
N GLU A 152 -1.04 24.17 24.64
CA GLU A 152 -0.31 25.43 24.49
C GLU A 152 -0.21 26.14 25.84
N LYS A 153 -1.25 25.97 26.66
CA LYS A 153 -1.30 26.57 27.99
C LYS A 153 -0.23 25.91 28.87
N CYS A 154 -0.04 24.62 28.69
CA CYS A 154 0.95 23.88 29.47
C CYS A 154 2.36 24.35 29.11
N LYS A 155 2.54 24.75 27.86
CA LYS A 155 3.84 25.22 27.42
C LYS A 155 4.07 26.62 27.99
N ASP A 156 3.01 27.42 28.02
CA ASP A 156 3.11 28.78 28.55
C ASP A 156 3.42 28.73 30.05
N ALA A 157 2.86 27.74 30.73
CA ALA A 157 3.06 27.56 32.15
C ALA A 157 4.42 26.94 32.49
N GLY A 158 5.21 26.65 31.46
CA GLY A 158 6.53 26.07 31.65
C GLY A 158 6.60 24.58 32.02
N LEU A 159 5.47 23.88 31.95
CA LEU A 159 5.44 22.46 32.29
C LEU A 159 5.94 21.56 31.17
N ALA A 160 5.91 22.06 29.94
CA ALA A 160 6.37 21.35 28.76
C ALA A 160 7.11 22.38 27.91
N LYS A 161 8.38 22.12 27.64
CA LYS A 161 9.18 23.05 26.85
C LYS A 161 8.74 23.08 25.39
N SER A 162 8.22 21.95 24.91
CA SER A 162 7.74 21.81 23.54
C SER A 162 6.50 20.94 23.57
N ILE A 163 5.62 21.13 22.59
CA ILE A 163 4.41 20.33 22.48
C ILE A 163 4.29 19.82 21.04
N GLY A 164 3.75 18.61 20.90
CA GLY A 164 3.59 18.04 19.58
C GLY A 164 2.48 17.04 19.60
N VAL A 165 2.40 16.24 18.54
CA VAL A 165 1.35 15.24 18.45
C VAL A 165 1.93 13.88 18.06
N SER A 166 1.08 12.86 18.12
CA SER A 166 1.49 11.51 17.77
C SER A 166 0.32 10.79 17.08
N ASN A 167 0.66 9.99 16.07
CA ASN A 167 -0.32 9.20 15.31
C ASN A 167 -1.35 10.04 14.55
N PHE A 168 -0.95 11.23 14.12
CA PHE A 168 -1.82 12.13 13.37
C PHE A 168 -1.57 11.98 11.88
N ASN A 169 -2.62 12.11 11.06
CA ASN A 169 -2.43 12.07 9.61
C ASN A 169 -2.42 13.51 9.14
N ARG A 170 -2.19 13.72 7.84
CA ARG A 170 -2.13 15.06 7.27
C ARG A 170 -3.33 15.94 7.59
N ARG A 171 -4.53 15.37 7.43
CA ARG A 171 -5.76 16.12 7.69
C ARG A 171 -5.85 16.56 9.16
N GLN A 172 -5.53 15.65 10.07
CA GLN A 172 -5.58 15.97 11.49
C GLN A 172 -4.54 17.05 11.82
N LEU A 173 -3.36 16.94 11.21
CA LEU A 173 -2.31 17.93 11.43
C LEU A 173 -2.81 19.29 10.95
N GLU A 174 -3.43 19.31 9.76
CA GLU A 174 -3.94 20.55 9.19
C GLU A 174 -5.01 21.20 10.06
N MET A 175 -5.78 20.38 10.76
CA MET A 175 -6.83 20.91 11.64
C MET A 175 -6.20 21.83 12.68
N ILE A 176 -5.07 21.40 13.23
CA ILE A 176 -4.34 22.19 14.22
C ILE A 176 -3.70 23.39 13.56
N LEU A 177 -2.96 23.13 12.49
CA LEU A 177 -2.24 24.16 11.76
C LEU A 177 -3.12 25.30 11.26
N ASN A 178 -4.37 24.99 10.96
CA ASN A 178 -5.30 26.00 10.46
C ASN A 178 -6.22 26.54 11.54
N LYS A 179 -6.01 26.11 12.78
CA LYS A 179 -6.83 26.56 13.89
C LYS A 179 -6.72 28.07 14.06
N PRO A 180 -7.86 28.76 14.08
CA PRO A 180 -7.83 30.23 14.25
C PRO A 180 -7.20 30.62 15.59
N GLY A 181 -6.28 31.58 15.55
CA GLY A 181 -5.63 32.04 16.76
C GLY A 181 -4.63 31.05 17.34
N LEU A 182 -4.08 30.19 16.48
CA LEU A 182 -3.10 29.21 16.94
C LEU A 182 -1.84 29.94 17.43
N LYS A 183 -1.34 29.51 18.59
CA LYS A 183 -0.14 30.11 19.16
C LYS A 183 1.11 29.28 18.86
N TYR A 184 1.03 27.99 19.10
CA TYR A 184 2.17 27.10 18.87
C TYR A 184 1.88 25.96 17.91
N LYS A 185 2.72 25.82 16.90
CA LYS A 185 2.60 24.74 15.93
C LYS A 185 3.15 23.47 16.61
N PRO A 186 2.62 22.29 16.24
CA PRO A 186 3.17 21.10 16.89
C PRO A 186 4.61 21.01 16.41
N VAL A 187 5.54 20.69 17.31
CA VAL A 187 6.95 20.60 16.91
C VAL A 187 7.24 19.32 16.15
N CYS A 188 6.43 18.29 16.41
CA CYS A 188 6.63 17.00 15.77
C CYS A 188 5.35 16.19 15.68
N ASN A 189 5.47 15.05 14.99
CA ASN A 189 4.39 14.09 14.83
C ASN A 189 5.09 12.75 14.94
N GLN A 190 4.92 12.07 16.07
CA GLN A 190 5.53 10.77 16.30
C GLN A 190 4.61 9.69 15.73
N VAL A 191 5.08 9.00 14.71
CA VAL A 191 4.29 7.96 14.06
C VAL A 191 5.07 6.69 13.77
N GLU A 192 4.35 5.60 13.47
CA GLU A 192 5.03 4.36 13.14
C GLU A 192 5.75 4.61 11.83
N CYS A 193 7.04 4.29 11.78
CA CYS A 193 7.81 4.53 10.58
C CYS A 193 9.01 3.59 10.53
N HIS A 194 9.12 2.88 9.41
CA HIS A 194 10.19 1.94 9.18
C HIS A 194 10.17 1.62 7.68
N PRO A 195 11.15 0.86 7.18
CA PRO A 195 11.17 0.54 5.74
C PRO A 195 9.89 -0.13 5.15
N TYR A 196 9.10 -0.80 5.98
CA TYR A 196 7.88 -1.46 5.49
C TYR A 196 6.67 -0.56 5.59
N PHE A 197 6.90 0.69 5.97
CA PHE A 197 5.85 1.69 6.14
C PHE A 197 6.65 2.97 6.37
N ASN A 198 7.29 3.46 5.31
CA ASN A 198 8.16 4.63 5.42
C ASN A 198 7.56 6.03 5.53
N ARG A 199 6.24 6.14 5.35
CA ARG A 199 5.54 7.43 5.46
C ARG A 199 6.13 8.60 4.67
N SER A 200 6.64 8.33 3.46
CA SER A 200 7.24 9.37 2.63
C SER A 200 6.36 10.58 2.38
N LYS A 201 5.08 10.34 2.09
CA LYS A 201 4.13 11.44 1.82
C LYS A 201 3.94 12.32 3.05
N LEU A 202 3.68 11.68 4.19
CA LEU A 202 3.49 12.40 5.45
C LEU A 202 4.77 13.16 5.79
N LEU A 203 5.90 12.48 5.58
CA LEU A 203 7.21 13.05 5.84
C LEU A 203 7.38 14.34 5.04
N ASP A 204 7.08 14.28 3.74
CA ASP A 204 7.21 15.45 2.89
C ASP A 204 6.32 16.59 3.35
N PHE A 205 5.11 16.24 3.76
CA PHE A 205 4.17 17.25 4.25
C PHE A 205 4.73 17.89 5.51
N CYS A 206 5.05 17.07 6.51
CA CYS A 206 5.61 17.59 7.77
C CYS A 206 6.82 18.48 7.49
N LYS A 207 7.68 18.06 6.57
CA LYS A 207 8.86 18.83 6.21
C LYS A 207 8.46 20.20 5.67
N SER A 208 7.33 20.23 4.97
CA SER A 208 6.83 21.46 4.36
C SER A 208 6.28 22.46 5.36
N LYS A 209 5.99 21.99 6.57
CA LYS A 209 5.44 22.85 7.64
C LYS A 209 6.42 22.93 8.81
N ASP A 210 7.65 22.51 8.58
CA ASP A 210 8.69 22.52 9.60
C ASP A 210 8.30 21.71 10.84
N ILE A 211 7.64 20.57 10.61
CA ILE A 211 7.24 19.69 11.70
C ILE A 211 8.13 18.46 11.61
N VAL A 212 8.71 18.06 12.72
CA VAL A 212 9.60 16.90 12.74
C VAL A 212 8.84 15.59 12.83
N LEU A 213 9.16 14.64 11.96
CA LEU A 213 8.54 13.33 12.02
C LEU A 213 9.43 12.46 12.89
N VAL A 214 8.85 11.91 13.95
CA VAL A 214 9.59 11.04 14.86
C VAL A 214 9.08 9.63 14.64
N ALA A 215 10.01 8.74 14.33
CA ALA A 215 9.69 7.36 14.03
C ALA A 215 9.70 6.38 15.20
N TYR A 216 8.59 5.66 15.39
CA TYR A 216 8.55 4.63 16.40
C TYR A 216 8.37 3.29 15.67
N SER A 217 8.72 2.19 16.33
CA SER A 217 8.67 0.86 15.73
C SER A 217 9.60 0.87 14.52
N ALA A 218 10.63 1.73 14.58
CA ALA A 218 11.62 1.88 13.53
C ALA A 218 12.47 0.61 13.33
N LEU A 219 12.46 -0.27 14.32
CA LEU A 219 13.22 -1.51 14.25
C LEU A 219 12.28 -2.70 14.05
N GLY A 220 11.05 -2.41 13.64
CA GLY A 220 10.08 -3.48 13.40
C GLY A 220 9.13 -3.84 14.52
N SER A 221 9.06 -3.02 15.56
CA SER A 221 8.16 -3.26 16.70
C SER A 221 8.63 -4.41 17.60
N GLN A 222 7.98 -4.55 18.76
CA GLN A 222 8.32 -5.60 19.72
C GLN A 222 7.51 -6.86 19.43
N ARG A 223 6.71 -6.80 18.36
CA ARG A 223 5.88 -7.94 17.95
C ARG A 223 5.08 -8.60 19.08
N ASP A 224 4.44 -7.78 19.91
CA ASP A 224 3.63 -8.26 21.03
C ASP A 224 2.45 -9.03 20.43
N LYS A 225 2.37 -10.31 20.74
CA LYS A 225 1.29 -11.15 20.22
C LYS A 225 -0.11 -10.63 20.54
N ARG A 226 -0.19 -9.60 21.38
CA ARG A 226 -1.47 -9.04 21.76
C ARG A 226 -2.01 -8.05 20.72
N TRP A 227 -1.11 -7.44 19.96
CA TRP A 227 -1.52 -6.47 18.95
C TRP A 227 -0.76 -6.62 17.65
N VAL A 228 0.12 -7.61 17.58
CA VAL A 228 0.90 -7.83 16.37
C VAL A 228 0.75 -9.26 15.85
N ASP A 229 0.32 -9.36 14.60
CA ASP A 229 0.13 -10.64 13.92
C ASP A 229 1.48 -11.31 13.73
N PRO A 230 1.66 -12.49 14.33
CA PRO A 230 2.93 -13.23 14.22
C PRO A 230 3.29 -13.54 12.76
N ASN A 231 2.30 -13.44 11.89
CA ASN A 231 2.51 -13.72 10.46
C ASN A 231 3.05 -12.52 9.69
N SER A 232 3.05 -11.35 10.32
CA SER A 232 3.57 -10.16 9.66
C SER A 232 5.06 -10.37 9.45
N PRO A 233 5.60 -9.91 8.32
CA PRO A 233 7.04 -10.10 8.07
C PRO A 233 7.91 -9.45 9.15
N VAL A 234 8.97 -10.15 9.52
CA VAL A 234 9.92 -9.69 10.53
C VAL A 234 10.88 -8.69 9.87
N LEU A 235 10.75 -7.41 10.22
CA LEU A 235 11.58 -6.37 9.62
C LEU A 235 13.09 -6.60 9.63
N LEU A 236 13.62 -7.02 10.77
CA LEU A 236 15.07 -7.24 10.90
C LEU A 236 15.55 -8.48 10.17
N GLU A 237 14.62 -9.19 9.53
CA GLU A 237 14.95 -10.38 8.77
C GLU A 237 14.83 -10.08 7.28
N ASP A 238 14.63 -8.81 6.94
CA ASP A 238 14.49 -8.43 5.54
C ASP A 238 15.81 -8.68 4.79
N PRO A 239 15.73 -9.38 3.64
CA PRO A 239 16.91 -9.69 2.82
C PRO A 239 17.73 -8.48 2.41
N VAL A 240 17.08 -7.40 2.01
CA VAL A 240 17.79 -6.19 1.60
C VAL A 240 18.49 -5.52 2.79
N LEU A 241 17.81 -5.48 3.94
CA LEU A 241 18.38 -4.87 5.13
C LEU A 241 19.57 -5.70 5.60
N CYS A 242 19.43 -7.01 5.58
CA CYS A 242 20.50 -7.89 6.01
C CYS A 242 21.68 -7.82 5.04
N ALA A 243 21.37 -7.64 3.76
CA ALA A 243 22.41 -7.54 2.73
C ALA A 243 23.20 -6.26 2.94
N LEU A 244 22.50 -5.19 3.30
CA LEU A 244 23.15 -3.90 3.55
C LEU A 244 23.91 -3.96 4.88
N ALA A 245 23.45 -4.81 5.80
CA ALA A 245 24.09 -4.97 7.09
C ALA A 245 25.44 -5.65 6.88
N LYS A 246 25.44 -6.70 6.07
CA LYS A 246 26.66 -7.46 5.77
C LYS A 246 27.62 -6.63 4.92
N LYS A 247 27.08 -5.70 4.14
CA LYS A 247 27.87 -4.85 3.27
C LYS A 247 28.62 -3.78 4.07
N HIS A 248 27.91 -3.12 4.97
CA HIS A 248 28.49 -2.06 5.80
C HIS A 248 29.10 -2.63 7.07
N LYS A 249 28.93 -3.94 7.27
CA LYS A 249 29.46 -4.60 8.45
C LYS A 249 28.79 -4.06 9.72
N ARG A 250 27.50 -3.79 9.63
CA ARG A 250 26.72 -3.29 10.76
C ARG A 250 25.61 -4.31 11.02
N THR A 251 24.45 -3.86 11.51
CA THR A 251 23.35 -4.78 11.76
C THR A 251 22.08 -4.27 11.09
N PRO A 252 21.09 -5.15 10.86
CA PRO A 252 19.84 -4.70 10.21
C PRO A 252 19.19 -3.55 10.97
N ALA A 253 19.30 -3.57 12.31
CA ALA A 253 18.71 -2.51 13.13
C ALA A 253 19.41 -1.18 12.86
N LEU A 254 20.74 -1.20 12.77
CA LEU A 254 21.53 0.01 12.51
C LEU A 254 21.22 0.55 11.12
N ILE A 255 20.96 -0.35 10.18
CA ILE A 255 20.62 0.05 8.81
C ILE A 255 19.27 0.77 8.83
N ALA A 256 18.31 0.17 9.52
CA ALA A 256 16.97 0.74 9.63
C ALA A 256 17.03 2.12 10.28
N LEU A 257 17.80 2.22 11.36
CA LEU A 257 17.94 3.48 12.08
C LEU A 257 18.64 4.55 11.22
N ARG A 258 19.73 4.17 10.57
CA ARG A 258 20.48 5.11 9.73
C ARG A 258 19.66 5.63 8.56
N TYR A 259 18.78 4.77 8.05
CA TYR A 259 17.90 5.11 6.95
C TYR A 259 17.08 6.35 7.35
N GLN A 260 16.49 6.31 8.55
CA GLN A 260 15.68 7.43 9.02
C GLN A 260 16.49 8.71 9.20
N LEU A 261 17.65 8.61 9.84
CA LEU A 261 18.50 9.78 10.06
C LEU A 261 18.84 10.50 8.76
N GLN A 262 19.19 9.72 7.74
CA GLN A 262 19.56 10.30 6.45
C GLN A 262 18.38 10.87 5.66
N ARG A 263 17.15 10.53 6.03
CA ARG A 263 15.97 11.08 5.35
C ARG A 263 15.30 12.17 6.20
N GLY A 264 16.03 12.62 7.23
CA GLY A 264 15.53 13.67 8.10
C GLY A 264 14.50 13.27 9.14
N VAL A 265 14.47 12.00 9.49
CA VAL A 265 13.52 11.54 10.50
C VAL A 265 14.24 11.23 11.82
N VAL A 266 13.67 11.72 12.93
CA VAL A 266 14.22 11.47 14.25
C VAL A 266 13.79 10.05 14.58
N VAL A 267 14.73 9.21 15.01
CA VAL A 267 14.40 7.83 15.30
C VAL A 267 14.50 7.39 16.74
N LEU A 268 13.47 6.65 17.16
CA LEU A 268 13.38 6.09 18.50
C LEU A 268 13.87 4.66 18.38
N ALA A 269 14.41 4.11 19.46
CA ALA A 269 14.88 2.73 19.44
C ALA A 269 14.73 2.15 20.83
N LYS A 270 13.90 1.14 20.97
CA LYS A 270 13.71 0.52 22.25
C LYS A 270 14.61 -0.71 22.38
N SER A 271 15.20 -0.87 23.55
CA SER A 271 16.03 -2.04 23.82
C SER A 271 16.25 -2.13 25.31
N TYR A 272 16.02 -3.32 25.85
CA TYR A 272 16.21 -3.57 27.28
C TYR A 272 17.39 -4.53 27.41
N ASN A 273 18.26 -4.51 26.39
CA ASN A 273 19.45 -5.35 26.34
C ASN A 273 20.72 -4.48 26.34
N GLU A 274 21.55 -4.67 27.36
CA GLU A 274 22.80 -3.91 27.53
C GLU A 274 23.63 -3.72 26.27
N GLN A 275 23.96 -4.83 25.61
CA GLN A 275 24.78 -4.77 24.40
C GLN A 275 24.07 -4.05 23.24
N ARG A 276 22.79 -4.37 23.05
CA ARG A 276 22.04 -3.73 21.96
C ARG A 276 21.84 -2.23 22.19
N ILE A 277 21.63 -1.84 23.45
CA ILE A 277 21.47 -0.44 23.80
C ILE A 277 22.71 0.32 23.34
N ARG A 278 23.88 -0.24 23.66
CA ARG A 278 25.17 0.35 23.31
C ARG A 278 25.43 0.28 21.80
N GLN A 279 24.93 -0.78 21.16
CA GLN A 279 25.11 -0.93 19.71
C GLN A 279 24.35 0.16 18.96
N ASN A 280 23.12 0.42 19.39
CA ASN A 280 22.26 1.41 18.73
C ASN A 280 22.83 2.82 18.63
N VAL A 281 23.70 3.19 19.56
CA VAL A 281 24.31 4.52 19.53
C VAL A 281 25.35 4.61 18.40
N GLN A 282 25.74 3.47 17.86
CA GLN A 282 26.71 3.45 16.78
C GLN A 282 26.12 3.88 15.45
N VAL A 283 24.83 4.21 15.46
CA VAL A 283 24.13 4.65 14.26
C VAL A 283 24.79 5.88 13.65
N PHE A 284 25.54 6.62 14.46
CA PHE A 284 26.22 7.83 14.01
C PHE A 284 27.59 7.54 13.43
N GLU A 285 28.03 6.29 13.52
CA GLU A 285 29.34 5.88 13.04
C GLU A 285 29.52 5.56 11.56
N PHE A 286 28.42 5.34 10.84
CA PHE A 286 28.51 5.03 9.41
C PHE A 286 27.49 5.77 8.57
N GLN A 287 27.58 5.58 7.27
CA GLN A 287 26.69 6.27 6.34
C GLN A 287 26.20 5.38 5.20
N LEU A 288 24.96 5.59 4.78
CA LEU A 288 24.38 4.81 3.69
C LEU A 288 24.49 5.65 2.41
N THR A 289 24.78 4.98 1.29
CA THR A 289 24.91 5.69 0.02
C THR A 289 23.52 6.05 -0.51
N ALA A 290 23.49 6.96 -1.48
CA ALA A 290 22.23 7.38 -2.07
C ALA A 290 21.51 6.17 -2.67
N GLU A 291 22.30 5.26 -3.26
CA GLU A 291 21.75 4.05 -3.85
C GLU A 291 21.21 3.13 -2.76
N ASP A 292 21.91 3.08 -1.63
CA ASP A 292 21.49 2.25 -0.49
C ASP A 292 20.11 2.73 -0.04
N MET A 293 19.95 4.04 0.02
CA MET A 293 18.70 4.65 0.45
C MET A 293 17.53 4.35 -0.48
N LYS A 294 17.77 4.40 -1.79
CA LYS A 294 16.73 4.10 -2.78
C LYS A 294 16.28 2.67 -2.62
N ALA A 295 17.23 1.77 -2.39
CA ALA A 295 16.94 0.35 -2.21
C ALA A 295 16.02 0.13 -1.01
N ILE A 296 16.27 0.88 0.07
CA ILE A 296 15.45 0.75 1.28
C ILE A 296 14.09 1.39 1.02
N ASP A 297 14.09 2.46 0.22
CA ASP A 297 12.86 3.17 -0.13
C ASP A 297 11.88 2.20 -0.84
N GLY A 298 12.43 1.25 -1.59
CA GLY A 298 11.57 0.32 -2.30
C GLY A 298 10.98 -0.81 -1.46
N LEU A 299 11.26 -0.82 -0.16
CA LEU A 299 10.77 -1.87 0.71
C LEU A 299 9.35 -1.65 1.26
N ASP A 300 8.84 -0.43 1.12
CA ASP A 300 7.53 -0.09 1.65
C ASP A 300 6.39 -1.02 1.19
N ARG A 301 5.62 -1.52 2.15
CA ARG A 301 4.48 -2.38 1.85
C ARG A 301 3.27 -2.01 2.70
N ASN A 302 3.24 -0.75 3.15
CA ASN A 302 2.14 -0.22 3.95
C ASN A 302 1.77 -1.16 5.09
N LEU A 303 2.78 -1.70 5.75
CA LEU A 303 2.57 -2.62 6.85
C LEU A 303 2.60 -1.88 8.19
N HIS A 304 1.49 -1.94 8.92
CA HIS A 304 1.40 -1.31 10.23
C HIS A 304 1.47 -2.45 11.24
N TYR A 305 2.52 -2.49 12.05
CA TYR A 305 2.67 -3.57 13.01
C TYR A 305 1.57 -3.65 14.05
N PHE A 306 1.05 -2.52 14.50
CA PHE A 306 -0.01 -2.53 15.49
C PHE A 306 -1.36 -2.87 14.88
N ASN A 307 -2.00 -3.89 15.45
CA ASN A 307 -3.33 -4.32 15.00
C ASN A 307 -4.33 -3.26 15.43
N SER A 308 -4.58 -2.28 14.56
CA SER A 308 -5.49 -1.19 14.87
C SER A 308 -6.87 -1.37 14.24
N ASP A 309 -7.20 -2.59 13.83
CA ASP A 309 -8.47 -2.88 13.20
C ASP A 309 -9.67 -2.63 14.11
N SER A 310 -9.50 -2.88 15.41
CA SER A 310 -10.58 -2.70 16.38
C SER A 310 -11.04 -1.24 16.54
N PHE A 311 -10.16 -0.30 16.22
CA PHE A 311 -10.47 1.12 16.34
C PHE A 311 -10.77 1.74 14.98
N ALA A 312 -10.70 0.92 13.93
CA ALA A 312 -10.94 1.38 12.57
C ALA A 312 -12.27 2.15 12.46
N SER A 313 -13.19 1.88 13.36
CA SER A 313 -14.49 2.54 13.35
C SER A 313 -14.47 3.91 14.03
N HIS A 314 -13.38 4.21 14.72
CA HIS A 314 -13.26 5.49 15.42
C HIS A 314 -13.22 6.65 14.44
N PRO A 315 -14.05 7.68 14.68
CA PRO A 315 -14.10 8.84 13.80
C PRO A 315 -12.73 9.48 13.55
N ASN A 316 -11.80 9.31 14.50
CA ASN A 316 -10.46 9.88 14.37
C ASN A 316 -9.39 8.88 13.93
N TYR A 317 -9.81 7.67 13.57
CA TYR A 317 -8.88 6.65 13.08
C TYR A 317 -8.01 7.35 12.02
N PRO A 318 -6.70 7.41 12.25
CA PRO A 318 -5.77 8.07 11.33
C PRO A 318 -5.49 7.42 9.98
N TYR A 319 -5.72 6.11 9.88
CA TYR A 319 -5.45 5.40 8.64
C TYR A 319 -6.59 5.36 7.64
N SER A 320 -7.51 6.32 7.78
CA SER A 320 -8.65 6.40 6.86
C SER A 320 -8.17 7.06 5.57
N ASP A 321 -7.21 7.98 5.70
CA ASP A 321 -6.67 8.70 4.55
C ASP A 321 -5.45 8.01 3.95
N GLU A 322 -5.07 8.42 2.75
CA GLU A 322 -3.91 7.84 2.07
C GLU A 322 -2.67 8.17 2.88
N TYR A 323 -2.77 9.25 3.67
CA TYR A 323 -1.68 9.69 4.52
C TYR A 323 -2.08 10.97 5.28
N GLN B 5 10.90 -5.63 -25.24
CA GLN B 5 9.52 -5.32 -24.77
C GLN B 5 9.05 -4.01 -25.41
N GLN B 6 8.45 -4.11 -26.59
CA GLN B 6 7.97 -2.92 -27.29
C GLN B 6 6.47 -2.74 -27.14
N CYS B 7 5.94 -1.69 -27.77
CA CYS B 7 4.52 -1.39 -27.68
C CYS B 7 3.82 -1.27 -29.02
N VAL B 8 2.51 -1.08 -28.93
CA VAL B 8 1.66 -0.90 -30.08
C VAL B 8 0.94 0.43 -29.87
N LYS B 9 0.85 1.24 -30.93
CA LYS B 9 0.17 2.52 -30.83
C LYS B 9 -1.34 2.31 -30.84
N LEU B 10 -2.00 2.85 -29.83
CA LEU B 10 -3.45 2.74 -29.73
C LEU B 10 -4.08 3.84 -30.58
N ASN B 11 -5.37 3.71 -30.87
CA ASN B 11 -6.07 4.71 -31.68
C ASN B 11 -6.18 6.01 -30.89
N ASP B 12 -5.57 5.97 -29.71
CA ASP B 12 -5.52 7.07 -28.75
C ASP B 12 -4.28 7.91 -28.97
N GLY B 13 -3.25 7.28 -29.52
CA GLY B 13 -1.98 7.95 -29.75
C GLY B 13 -1.04 7.46 -28.66
N HIS B 14 -1.62 6.88 -27.62
CA HIS B 14 -0.83 6.36 -26.51
C HIS B 14 -0.25 5.03 -26.92
N PHE B 15 0.74 4.55 -26.17
CA PHE B 15 1.37 3.28 -26.47
C PHE B 15 1.17 2.25 -25.37
N MET B 16 0.84 1.04 -25.79
CA MET B 16 0.61 -0.05 -24.87
C MET B 16 1.65 -1.15 -25.08
N PRO B 17 2.38 -1.53 -24.02
CA PRO B 17 3.37 -2.59 -24.17
C PRO B 17 2.64 -3.85 -24.62
N VAL B 18 3.20 -4.57 -25.60
CA VAL B 18 2.54 -5.77 -26.12
C VAL B 18 2.55 -6.98 -25.20
N LEU B 19 3.35 -6.93 -24.14
CA LEU B 19 3.39 -8.02 -23.17
C LEU B 19 2.95 -7.45 -21.83
N GLY B 20 1.92 -8.05 -21.25
CA GLY B 20 1.42 -7.57 -19.96
C GLY B 20 1.41 -8.62 -18.87
N PHE B 21 1.48 -8.17 -17.63
CA PHE B 21 1.48 -9.08 -16.48
C PHE B 21 0.09 -9.20 -15.86
N GLY B 22 -0.43 -10.42 -15.83
CA GLY B 22 -1.74 -10.65 -15.25
C GLY B 22 -1.61 -10.82 -13.74
N THR B 23 -2.30 -9.98 -12.99
CA THR B 23 -2.20 -10.02 -11.54
C THR B 23 -3.28 -10.78 -10.76
N TYR B 24 -4.29 -11.31 -11.42
CA TYR B 24 -5.31 -12.01 -10.65
C TYR B 24 -4.84 -13.32 -10.02
N ALA B 25 -5.22 -13.50 -8.76
CA ALA B 25 -4.90 -14.70 -8.00
C ALA B 25 -6.11 -15.02 -7.14
N PRO B 26 -6.45 -16.30 -7.00
CA PRO B 26 -7.61 -16.69 -6.19
C PRO B 26 -7.50 -16.20 -4.74
N PRO B 27 -8.64 -16.03 -4.06
CA PRO B 27 -8.71 -15.56 -2.67
C PRO B 27 -7.85 -16.37 -1.71
N GLU B 28 -7.63 -17.64 -2.03
CA GLU B 28 -6.81 -18.52 -1.20
C GLU B 28 -5.36 -18.06 -1.14
N VAL B 29 -5.02 -17.07 -1.96
CA VAL B 29 -3.66 -16.54 -2.00
C VAL B 29 -3.55 -15.27 -1.18
N PRO B 30 -2.60 -15.21 -0.24
CA PRO B 30 -2.41 -14.02 0.59
C PRO B 30 -2.27 -12.76 -0.27
N ARG B 31 -2.96 -11.70 0.12
CA ARG B 31 -2.93 -10.45 -0.63
C ARG B 31 -1.51 -9.91 -0.86
N SER B 32 -0.61 -10.19 0.09
CA SER B 32 0.76 -9.72 -0.01
C SER B 32 1.53 -10.28 -1.21
N LYS B 33 1.16 -11.48 -1.64
CA LYS B 33 1.83 -12.10 -2.79
C LYS B 33 1.77 -11.22 -4.03
N ALA B 34 0.66 -10.52 -4.22
CA ALA B 34 0.49 -9.64 -5.37
C ALA B 34 1.55 -8.54 -5.40
N LEU B 35 1.91 -8.02 -4.23
CA LEU B 35 2.93 -6.98 -4.16
C LEU B 35 4.27 -7.59 -4.55
N GLU B 36 4.55 -8.78 -4.00
CA GLU B 36 5.80 -9.47 -4.28
C GLU B 36 5.98 -9.86 -5.75
N VAL B 37 4.99 -10.49 -6.36
CA VAL B 37 5.13 -10.91 -7.76
C VAL B 37 5.11 -9.76 -8.77
N THR B 38 4.41 -8.67 -8.47
CA THR B 38 4.37 -7.54 -9.38
C THR B 38 5.74 -6.85 -9.41
N LYS B 39 6.43 -6.85 -8.27
CA LYS B 39 7.77 -6.26 -8.22
C LYS B 39 8.67 -7.16 -9.07
N LEU B 40 8.52 -8.47 -8.88
CA LEU B 40 9.30 -9.47 -9.61
C LEU B 40 9.07 -9.32 -11.11
N ALA B 41 7.81 -9.12 -11.49
CA ALA B 41 7.43 -8.94 -12.91
C ALA B 41 8.15 -7.74 -13.52
N ILE B 42 8.09 -6.60 -12.83
CA ILE B 42 8.74 -5.38 -13.29
C ILE B 42 10.24 -5.58 -13.37
N GLU B 43 10.78 -6.28 -12.37
CA GLU B 43 12.22 -6.56 -12.33
C GLU B 43 12.61 -7.41 -13.54
N ALA B 44 11.73 -8.33 -13.92
CA ALA B 44 12.01 -9.21 -15.06
C ALA B 44 11.92 -8.47 -16.39
N GLY B 45 11.13 -7.40 -16.45
CA GLY B 45 11.02 -6.66 -17.69
C GLY B 45 9.61 -6.27 -18.09
N PHE B 46 8.61 -6.78 -17.38
CA PHE B 46 7.22 -6.45 -17.68
C PHE B 46 7.03 -4.95 -17.44
N ARG B 47 6.33 -4.28 -18.34
CA ARG B 47 6.08 -2.86 -18.20
C ARG B 47 4.59 -2.59 -18.32
N HIS B 48 3.83 -3.65 -18.51
CA HIS B 48 2.37 -3.57 -18.67
C HIS B 48 1.79 -4.43 -17.58
N ILE B 49 1.00 -3.82 -16.69
CA ILE B 49 0.38 -4.54 -15.57
C ILE B 49 -1.14 -4.43 -15.61
N ASP B 50 -1.79 -5.59 -15.51
CA ASP B 50 -3.24 -5.69 -15.57
C ASP B 50 -3.88 -6.05 -14.24
N SER B 51 -4.69 -5.12 -13.73
CA SER B 51 -5.41 -5.31 -12.48
C SER B 51 -6.89 -4.99 -12.68
N ALA B 52 -7.64 -4.94 -11.58
CA ALA B 52 -9.08 -4.65 -11.63
C ALA B 52 -9.66 -4.59 -10.22
N HIS B 53 -10.75 -3.84 -10.08
CA HIS B 53 -11.42 -3.71 -8.79
C HIS B 53 -11.79 -5.11 -8.28
N LEU B 54 -12.28 -5.96 -9.18
CA LEU B 54 -12.67 -7.32 -8.82
C LEU B 54 -11.55 -8.18 -8.24
N TYR B 55 -10.31 -7.88 -8.60
CA TYR B 55 -9.18 -8.69 -8.12
C TYR B 55 -8.84 -8.46 -6.65
N ASN B 56 -9.32 -7.37 -6.08
CA ASN B 56 -9.04 -7.06 -4.67
C ASN B 56 -7.54 -7.12 -4.43
N ASN B 57 -6.77 -6.41 -5.26
CA ASN B 57 -5.32 -6.40 -5.12
C ASN B 57 -4.70 -5.09 -5.60
N GLU B 58 -5.53 -4.09 -5.85
CA GLU B 58 -5.01 -2.81 -6.34
C GLU B 58 -4.05 -2.12 -5.38
N GLU B 59 -4.24 -2.36 -4.08
CA GLU B 59 -3.37 -1.76 -3.07
C GLU B 59 -1.95 -2.30 -3.26
N GLN B 60 -1.83 -3.63 -3.28
CA GLN B 60 -0.54 -4.29 -3.44
C GLN B 60 0.11 -4.04 -4.79
N VAL B 61 -0.68 -4.05 -5.87
CA VAL B 61 -0.12 -3.81 -7.20
C VAL B 61 0.39 -2.37 -7.31
N GLY B 62 -0.39 -1.42 -6.80
CA GLY B 62 0.01 -0.03 -6.85
C GLY B 62 1.26 0.18 -6.02
N LEU B 63 1.38 -0.57 -4.93
CA LEU B 63 2.53 -0.50 -4.03
C LEU B 63 3.78 -1.00 -4.76
N ALA B 64 3.62 -2.11 -5.49
CA ALA B 64 4.72 -2.69 -6.23
C ALA B 64 5.23 -1.69 -7.27
N ILE B 65 4.31 -1.01 -7.93
CA ILE B 65 4.68 -0.01 -8.93
C ILE B 65 5.40 1.15 -8.23
N ARG B 66 4.83 1.62 -7.13
CA ARG B 66 5.41 2.74 -6.38
C ARG B 66 6.82 2.38 -5.89
N SER B 67 7.00 1.11 -5.50
CA SER B 67 8.28 0.63 -5.01
C SER B 67 9.36 0.64 -6.09
N LYS B 68 9.04 0.13 -7.27
CA LYS B 68 10.01 0.08 -8.36
C LYS B 68 10.34 1.47 -8.89
N ILE B 69 9.50 2.45 -8.56
CA ILE B 69 9.76 3.82 -8.98
C ILE B 69 10.65 4.39 -7.86
N ALA B 70 10.33 4.00 -6.62
CA ALA B 70 11.06 4.45 -5.45
C ALA B 70 12.53 4.03 -5.50
N ASP B 71 12.78 2.76 -5.80
CA ASP B 71 14.16 2.28 -5.87
C ASP B 71 14.89 2.70 -7.13
N GLY B 72 14.21 3.51 -7.93
CA GLY B 72 14.80 4.03 -9.17
C GLY B 72 14.81 3.12 -10.38
N SER B 73 14.17 1.97 -10.28
CA SER B 73 14.14 1.00 -11.38
C SER B 73 13.41 1.51 -12.62
N VAL B 74 12.28 2.19 -12.42
CA VAL B 74 11.49 2.71 -13.53
C VAL B 74 10.83 4.04 -13.16
N LYS B 75 10.31 4.71 -14.19
CA LYS B 75 9.59 5.97 -14.01
C LYS B 75 8.12 5.64 -14.21
N ARG B 76 7.22 6.45 -13.65
CA ARG B 76 5.80 6.20 -13.78
C ARG B 76 5.42 6.08 -15.24
N GLU B 77 6.01 6.92 -16.07
CA GLU B 77 5.73 6.92 -17.50
C GLU B 77 6.21 5.63 -18.20
N ASP B 78 7.04 4.85 -17.52
CA ASP B 78 7.55 3.60 -18.09
C ASP B 78 6.61 2.44 -17.80
N ILE B 79 5.62 2.70 -16.96
CA ILE B 79 4.67 1.66 -16.58
C ILE B 79 3.31 1.91 -17.19
N PHE B 80 2.71 0.85 -17.74
CA PHE B 80 1.38 0.93 -18.32
C PHE B 80 0.51 0.13 -17.36
N TYR B 81 -0.26 0.84 -16.55
CA TYR B 81 -1.12 0.19 -15.56
C TYR B 81 -2.58 0.29 -15.96
N THR B 82 -3.30 -0.83 -15.86
CA THR B 82 -4.71 -0.81 -16.20
C THR B 82 -5.58 -1.39 -15.09
N SER B 83 -6.74 -0.77 -14.89
CA SER B 83 -7.70 -1.24 -13.93
C SER B 83 -8.99 -1.40 -14.71
N LYS B 84 -10.01 -1.94 -14.06
CA LYS B 84 -11.29 -2.17 -14.72
C LYS B 84 -12.47 -1.81 -13.84
N LEU B 85 -13.49 -1.25 -14.48
CA LEU B 85 -14.73 -0.86 -13.82
C LEU B 85 -15.59 -2.10 -13.67
N TRP B 86 -15.91 -2.48 -12.44
CA TRP B 86 -16.73 -3.67 -12.21
C TRP B 86 -18.18 -3.46 -12.62
N SER B 87 -18.82 -4.54 -13.03
CA SER B 87 -20.21 -4.56 -13.51
C SER B 87 -21.24 -4.02 -12.54
N THR B 88 -20.81 -3.73 -11.32
CA THR B 88 -21.72 -3.23 -10.30
C THR B 88 -21.72 -1.69 -10.34
N PHE B 89 -20.83 -1.14 -11.16
CA PHE B 89 -20.69 0.31 -11.29
C PHE B 89 -20.92 0.83 -12.70
N HIS B 90 -21.74 0.13 -13.48
CA HIS B 90 -22.04 0.55 -14.85
C HIS B 90 -22.82 1.86 -14.93
N ARG B 91 -23.73 2.11 -13.99
CA ARG B 91 -24.50 3.35 -14.02
C ARG B 91 -23.51 4.51 -14.05
N PRO B 92 -23.68 5.45 -15.01
CA PRO B 92 -22.81 6.62 -15.20
C PRO B 92 -22.34 7.40 -13.97
N GLU B 93 -23.24 7.64 -13.03
CA GLU B 93 -22.91 8.37 -11.81
C GLU B 93 -21.92 7.61 -10.93
N LEU B 94 -21.86 6.30 -11.12
CA LEU B 94 -20.97 5.44 -10.35
C LEU B 94 -19.62 5.17 -11.02
N VAL B 95 -19.43 5.72 -12.21
CA VAL B 95 -18.20 5.49 -12.96
C VAL B 95 -16.96 6.23 -12.43
N ARG B 96 -16.99 7.56 -12.43
CA ARG B 96 -15.84 8.32 -11.94
C ARG B 96 -15.49 7.98 -10.50
N PRO B 97 -16.48 7.89 -9.62
CA PRO B 97 -16.16 7.54 -8.22
C PRO B 97 -15.42 6.21 -8.12
N ALA B 98 -15.82 5.24 -8.92
CA ALA B 98 -15.18 3.93 -8.90
C ALA B 98 -13.71 4.01 -9.33
N LEU B 99 -13.44 4.81 -10.35
CA LEU B 99 -12.08 4.97 -10.83
C LEU B 99 -11.22 5.73 -9.82
N GLU B 100 -11.82 6.73 -9.19
CA GLU B 100 -11.11 7.53 -8.20
C GLU B 100 -10.77 6.68 -6.98
N ASN B 101 -11.62 5.73 -6.66
CA ASN B 101 -11.37 4.85 -5.53
C ASN B 101 -10.28 3.84 -5.91
N SER B 102 -10.24 3.48 -7.19
CA SER B 102 -9.21 2.55 -7.69
C SER B 102 -7.86 3.26 -7.62
N LEU B 103 -7.85 4.54 -8.00
CA LEU B 103 -6.65 5.36 -7.98
C LEU B 103 -6.17 5.55 -6.54
N LYS B 104 -7.11 5.76 -5.64
CA LYS B 104 -6.81 5.96 -4.22
C LYS B 104 -6.18 4.72 -3.62
N LYS B 105 -6.76 3.57 -3.94
CA LYS B 105 -6.27 2.28 -3.46
C LYS B 105 -4.85 2.01 -3.92
N ALA B 106 -4.58 2.29 -5.20
CA ALA B 106 -3.25 2.06 -5.76
C ALA B 106 -2.31 3.25 -5.57
N GLN B 107 -2.86 4.36 -5.07
CA GLN B 107 -2.08 5.57 -4.84
C GLN B 107 -1.45 6.06 -6.14
N LEU B 108 -2.21 6.01 -7.23
CA LEU B 108 -1.74 6.45 -8.53
C LEU B 108 -2.56 7.68 -8.92
N ASP B 109 -1.95 8.60 -9.67
CA ASP B 109 -2.61 9.83 -10.10
C ASP B 109 -3.50 9.53 -11.30
N TYR B 110 -3.11 8.53 -12.06
CA TYR B 110 -3.85 8.16 -13.25
C TYR B 110 -3.62 6.70 -13.59
N VAL B 111 -4.56 6.14 -14.34
CA VAL B 111 -4.44 4.76 -14.79
C VAL B 111 -4.13 4.95 -16.28
N ASP B 112 -3.33 4.06 -16.85
CA ASP B 112 -3.00 4.17 -18.27
C ASP B 112 -4.18 3.69 -19.10
N LEU B 113 -4.93 2.76 -18.53
CA LEU B 113 -6.08 2.21 -19.23
C LEU B 113 -7.18 1.79 -18.26
N TYR B 114 -8.40 2.24 -18.54
CA TYR B 114 -9.54 1.87 -17.72
C TYR B 114 -10.53 1.18 -18.65
N LEU B 115 -10.95 -0.02 -18.26
CA LEU B 115 -11.87 -0.80 -19.08
C LEU B 115 -13.19 -1.14 -18.40
N ILE B 116 -14.22 -1.32 -19.23
CA ILE B 116 -15.50 -1.77 -18.72
C ILE B 116 -15.17 -3.27 -18.66
N HIS B 117 -15.07 -3.82 -17.45
CA HIS B 117 -14.72 -5.22 -17.25
C HIS B 117 -15.61 -6.21 -18.01
N SER B 118 -16.90 -5.91 -18.09
CA SER B 118 -17.82 -6.82 -18.75
C SER B 118 -19.10 -6.07 -19.12
N PRO B 119 -19.79 -6.51 -20.18
CA PRO B 119 -21.03 -5.85 -20.60
C PRO B 119 -22.24 -6.28 -19.77
N MET B 120 -22.06 -7.30 -18.95
CA MET B 120 -23.15 -7.83 -18.12
C MET B 120 -23.34 -7.11 -16.78
N SER B 121 -24.06 -5.99 -16.83
CA SER B 121 -24.33 -5.18 -15.64
C SER B 121 -24.96 -5.95 -14.48
N LEU B 122 -24.59 -5.58 -13.26
CA LEU B 122 -25.14 -6.22 -12.07
C LEU B 122 -25.72 -5.16 -11.14
N LYS B 123 -26.53 -5.61 -10.19
CA LYS B 123 -27.15 -4.69 -9.23
C LYS B 123 -26.09 -3.87 -8.50
N PRO B 124 -26.19 -2.53 -8.58
CA PRO B 124 -25.22 -1.66 -7.91
C PRO B 124 -25.27 -1.82 -6.40
N GLY B 125 -24.11 -1.74 -5.75
CA GLY B 125 -24.07 -1.89 -4.31
C GLY B 125 -22.72 -2.29 -3.75
N GLU B 126 -22.73 -2.79 -2.52
CA GLU B 126 -21.51 -3.20 -1.83
C GLU B 126 -20.95 -4.52 -2.37
N GLU B 127 -21.81 -5.53 -2.48
CA GLU B 127 -21.37 -6.84 -2.97
C GLU B 127 -20.91 -6.82 -4.44
N LEU B 128 -19.91 -7.64 -4.73
CA LEU B 128 -19.38 -7.74 -6.09
C LEU B 128 -20.33 -8.55 -6.94
N SER B 129 -20.89 -9.59 -6.35
CA SER B 129 -21.84 -10.45 -7.03
C SER B 129 -23.14 -10.52 -6.23
N PRO B 130 -23.96 -9.46 -6.28
CA PRO B 130 -25.21 -9.42 -5.56
C PRO B 130 -26.16 -10.56 -5.94
N THR B 131 -26.72 -11.23 -4.94
CA THR B 131 -27.63 -12.34 -5.18
C THR B 131 -28.93 -12.17 -4.36
N ASP B 132 -30.05 -12.48 -4.99
CA ASP B 132 -31.35 -12.37 -4.33
C ASP B 132 -31.49 -13.39 -3.20
N GLU B 133 -32.67 -13.46 -2.61
CA GLU B 133 -32.94 -14.38 -1.51
C GLU B 133 -32.82 -15.84 -1.92
N ASN B 134 -32.90 -16.10 -3.22
CA ASN B 134 -32.79 -17.47 -3.71
C ASN B 134 -31.35 -17.81 -4.09
N GLY B 135 -30.44 -16.91 -3.76
CA GLY B 135 -29.04 -17.12 -4.05
C GLY B 135 -28.68 -17.01 -5.52
N LYS B 136 -29.41 -16.20 -6.26
CA LYS B 136 -29.13 -16.01 -7.68
C LYS B 136 -28.61 -14.60 -7.93
N VAL B 137 -27.53 -14.51 -8.71
CA VAL B 137 -26.93 -13.22 -9.02
C VAL B 137 -27.95 -12.28 -9.64
N ILE B 138 -28.06 -11.08 -9.09
CA ILE B 138 -29.00 -10.09 -9.57
C ILE B 138 -28.44 -9.21 -10.69
N PHE B 139 -29.11 -9.22 -11.83
CA PHE B 139 -28.69 -8.43 -12.99
C PHE B 139 -29.25 -7.02 -12.91
N ASP B 140 -28.77 -6.14 -13.78
CA ASP B 140 -29.24 -4.76 -13.81
C ASP B 140 -29.31 -4.31 -15.27
N ILE B 141 -30.22 -3.39 -15.56
CA ILE B 141 -30.38 -2.89 -16.92
C ILE B 141 -29.73 -1.51 -17.08
N VAL B 142 -28.66 -1.44 -17.85
CA VAL B 142 -27.97 -0.17 -18.07
C VAL B 142 -27.55 0.04 -19.52
N ASP B 143 -27.84 1.23 -20.03
CA ASP B 143 -27.46 1.59 -21.39
C ASP B 143 -25.94 1.79 -21.34
N LEU B 144 -25.19 0.84 -21.90
CA LEU B 144 -23.72 0.89 -21.89
C LEU B 144 -23.13 2.11 -22.59
N CYS B 145 -23.92 2.76 -23.43
CA CYS B 145 -23.44 3.95 -24.12
C CYS B 145 -23.33 5.11 -23.12
N THR B 146 -24.17 5.08 -22.08
CA THR B 146 -24.11 6.12 -21.05
C THR B 146 -22.90 5.79 -20.19
N THR B 147 -22.70 4.50 -19.93
CA THR B 147 -21.56 4.05 -19.15
C THR B 147 -20.31 4.52 -19.88
N TRP B 148 -20.30 4.36 -21.20
CA TRP B 148 -19.15 4.77 -21.99
C TRP B 148 -18.93 6.28 -21.95
N GLU B 149 -20.00 7.05 -22.00
CA GLU B 149 -19.89 8.50 -21.97
C GLU B 149 -19.20 8.93 -20.67
N ALA B 150 -19.49 8.24 -19.57
CA ALA B 150 -18.88 8.54 -18.28
C ALA B 150 -17.40 8.16 -18.33
N MET B 151 -17.09 7.15 -19.13
CA MET B 151 -15.71 6.70 -19.28
C MET B 151 -14.93 7.76 -20.05
N GLU B 152 -15.58 8.37 -21.03
CA GLU B 152 -14.96 9.41 -21.83
C GLU B 152 -14.70 10.63 -20.95
N LYS B 153 -15.57 10.83 -19.97
CA LYS B 153 -15.44 11.95 -19.03
C LYS B 153 -14.16 11.76 -18.23
N CYS B 154 -13.91 10.53 -17.79
CA CYS B 154 -12.73 10.20 -17.01
C CYS B 154 -11.47 10.48 -17.81
N LYS B 155 -11.49 10.14 -19.09
CA LYS B 155 -10.33 10.37 -19.94
C LYS B 155 -10.11 11.87 -20.11
N ASP B 156 -11.19 12.63 -20.20
CA ASP B 156 -11.07 14.08 -20.35
C ASP B 156 -10.51 14.67 -19.06
N ALA B 157 -10.88 14.09 -17.92
CA ALA B 157 -10.42 14.55 -16.62
C ALA B 157 -8.96 14.18 -16.35
N GLY B 158 -8.41 13.29 -17.15
CA GLY B 158 -7.02 12.87 -16.98
C GLY B 158 -6.82 11.68 -16.06
N LEU B 159 -7.91 11.18 -15.49
CA LEU B 159 -7.87 10.03 -14.60
C LEU B 159 -7.46 8.76 -15.33
N ALA B 160 -7.78 8.70 -16.63
CA ALA B 160 -7.44 7.56 -17.46
C ALA B 160 -6.84 8.07 -18.77
N LYS B 161 -5.64 7.61 -19.08
CA LYS B 161 -4.96 8.01 -20.29
C LYS B 161 -5.72 7.47 -21.51
N SER B 162 -6.18 6.23 -21.40
CA SER B 162 -6.92 5.58 -22.46
C SER B 162 -8.06 4.80 -21.83
N ILE B 163 -9.11 4.57 -22.61
CA ILE B 163 -10.25 3.80 -22.13
C ILE B 163 -10.58 2.71 -23.16
N GLY B 164 -11.07 1.58 -22.67
CA GLY B 164 -11.42 0.46 -23.53
C GLY B 164 -12.49 -0.40 -22.90
N VAL B 165 -12.70 -1.59 -23.44
CA VAL B 165 -13.70 -2.49 -22.90
C VAL B 165 -13.12 -3.89 -22.82
N SER B 166 -13.89 -4.80 -22.24
CA SER B 166 -13.44 -6.18 -22.09
C SER B 166 -14.64 -7.11 -22.18
N ASN B 167 -14.45 -8.27 -22.81
CA ASN B 167 -15.51 -9.26 -22.96
C ASN B 167 -16.71 -8.80 -23.80
N PHE B 168 -16.47 -7.88 -24.72
CA PHE B 168 -17.53 -7.38 -25.60
C PHE B 168 -17.51 -8.18 -26.91
N ASN B 169 -18.68 -8.42 -27.50
CA ASN B 169 -18.76 -9.13 -28.77
C ASN B 169 -18.93 -8.07 -29.87
N ARG B 170 -18.94 -8.50 -31.12
CA ARG B 170 -19.08 -7.58 -32.25
C ARG B 170 -20.26 -6.63 -32.11
N ARG B 171 -21.42 -7.18 -31.75
CA ARG B 171 -22.66 -6.41 -31.59
C ARG B 171 -22.47 -5.31 -30.55
N GLN B 172 -21.91 -5.67 -29.40
CA GLN B 172 -21.68 -4.73 -28.33
C GLN B 172 -20.64 -3.67 -28.67
N LEU B 173 -19.65 -4.05 -29.47
CA LEU B 173 -18.63 -3.09 -29.87
C LEU B 173 -19.25 -2.08 -30.81
N GLU B 174 -20.05 -2.55 -31.77
CA GLU B 174 -20.71 -1.69 -32.74
C GLU B 174 -21.62 -0.67 -32.06
N MET B 175 -22.27 -1.12 -31.00
CA MET B 175 -23.18 -0.29 -30.21
C MET B 175 -22.43 0.97 -29.77
N ILE B 176 -21.24 0.78 -29.21
CA ILE B 176 -20.43 1.90 -28.75
C ILE B 176 -19.92 2.70 -29.92
N LEU B 177 -19.38 2.00 -30.92
CA LEU B 177 -18.81 2.64 -32.10
C LEU B 177 -19.85 3.43 -32.89
N ASN B 178 -21.10 2.98 -32.84
CA ASN B 178 -22.16 3.65 -33.58
C ASN B 178 -22.88 4.68 -32.72
N LYS B 179 -22.38 4.90 -31.52
CA LYS B 179 -22.98 5.87 -30.61
C LYS B 179 -22.94 7.27 -31.22
N PRO B 180 -24.08 7.98 -31.22
CA PRO B 180 -24.10 9.33 -31.78
C PRO B 180 -23.31 10.24 -30.87
N GLY B 181 -22.42 11.03 -31.45
CA GLY B 181 -21.62 11.95 -30.65
C GLY B 181 -20.48 11.24 -29.92
N LEU B 182 -20.09 10.07 -30.43
CA LEU B 182 -18.99 9.32 -29.83
C LEU B 182 -17.73 10.18 -29.87
N LYS B 183 -17.02 10.29 -28.74
CA LYS B 183 -15.81 11.08 -28.69
C LYS B 183 -14.57 10.19 -28.75
N TYR B 184 -14.62 9.09 -27.99
CA TYR B 184 -13.50 8.15 -27.95
C TYR B 184 -13.93 6.71 -28.18
N LYS B 185 -13.31 6.06 -29.16
CA LYS B 185 -13.61 4.67 -29.41
C LYS B 185 -12.77 3.87 -28.41
N PRO B 186 -13.23 2.65 -28.06
CA PRO B 186 -12.44 1.87 -27.11
C PRO B 186 -11.10 1.61 -27.79
N VAL B 187 -10.00 1.70 -27.05
CA VAL B 187 -8.68 1.48 -27.64
C VAL B 187 -8.41 -0.01 -27.75
N CYS B 188 -9.18 -0.81 -27.02
CA CYS B 188 -8.99 -2.24 -27.01
C CYS B 188 -10.20 -2.99 -26.49
N ASN B 189 -10.20 -4.30 -26.71
CA ASN B 189 -11.24 -5.18 -26.24
C ASN B 189 -10.46 -6.37 -25.66
N GLN B 190 -10.44 -6.48 -24.34
CA GLN B 190 -9.74 -7.57 -23.68
C GLN B 190 -10.66 -8.77 -23.57
N VAL B 191 -10.27 -9.86 -24.22
CA VAL B 191 -11.08 -11.08 -24.24
C VAL B 191 -10.25 -12.34 -24.10
N GLU B 192 -10.90 -13.46 -23.80
CA GLU B 192 -10.19 -14.73 -23.69
C GLU B 192 -9.70 -15.06 -25.10
N CYS B 193 -8.40 -15.33 -25.23
CA CYS B 193 -7.84 -15.63 -26.53
C CYS B 193 -6.61 -16.53 -26.41
N HIS B 194 -6.67 -17.68 -27.08
CA HIS B 194 -5.59 -18.65 -27.06
C HIS B 194 -5.74 -19.55 -28.29
N PRO B 195 -4.75 -20.43 -28.57
CA PRO B 195 -4.84 -21.32 -29.75
C PRO B 195 -6.10 -22.19 -29.88
N TYR B 196 -6.79 -22.45 -28.78
CA TYR B 196 -8.00 -23.27 -28.83
C TYR B 196 -9.25 -22.42 -29.01
N PHE B 197 -9.05 -21.10 -29.02
CA PHE B 197 -10.14 -20.13 -29.14
C PHE B 197 -9.44 -18.85 -29.54
N ASN B 198 -8.86 -18.84 -30.75
CA ASN B 198 -8.10 -17.69 -31.21
C ASN B 198 -8.84 -16.44 -31.65
N ARG B 199 -10.17 -16.47 -31.62
CA ARG B 199 -10.98 -15.29 -31.99
C ARG B 199 -10.59 -14.61 -33.31
N SER B 200 -10.28 -15.39 -34.34
CA SER B 200 -9.87 -14.80 -35.62
C SER B 200 -10.89 -13.82 -36.21
N LYS B 201 -12.18 -14.14 -36.08
CA LYS B 201 -13.24 -13.27 -36.60
C LYS B 201 -13.28 -11.95 -35.83
N LEU B 202 -13.29 -12.03 -34.51
CA LEU B 202 -13.31 -10.82 -33.66
C LEU B 202 -12.03 -10.02 -33.90
N LEU B 203 -10.89 -10.71 -33.90
CA LEU B 203 -9.61 -10.06 -34.14
C LEU B 203 -9.67 -9.24 -35.41
N ASP B 204 -10.17 -9.84 -36.49
CA ASP B 204 -10.27 -9.13 -37.75
C ASP B 204 -11.19 -7.92 -37.66
N PHE B 205 -12.32 -8.07 -36.98
CA PHE B 205 -13.26 -6.98 -36.80
C PHE B 205 -12.58 -5.81 -36.07
N CYS B 206 -11.93 -6.14 -34.96
CA CYS B 206 -11.23 -5.12 -34.18
C CYS B 206 -10.19 -4.45 -35.04
N LYS B 207 -9.47 -5.24 -35.84
CA LYS B 207 -8.44 -4.74 -36.76
C LYS B 207 -9.03 -3.66 -37.68
N SER B 208 -10.17 -3.98 -38.28
CA SER B 208 -10.84 -3.07 -39.21
C SER B 208 -11.34 -1.77 -38.55
N LYS B 209 -11.51 -1.80 -37.23
CA LYS B 209 -11.98 -0.63 -36.49
C LYS B 209 -10.88 0.11 -35.73
N ASP B 210 -9.64 -0.36 -35.89
CA ASP B 210 -8.49 0.24 -35.21
C ASP B 210 -8.56 -0.01 -33.70
N ILE B 211 -9.07 -1.18 -33.32
CA ILE B 211 -9.20 -1.56 -31.92
C ILE B 211 -8.25 -2.73 -31.67
N VAL B 212 -7.45 -2.63 -30.62
CA VAL B 212 -6.50 -3.66 -30.26
C VAL B 212 -7.20 -4.79 -29.51
N LEU B 213 -6.84 -6.02 -29.85
CA LEU B 213 -7.40 -7.19 -29.17
C LEU B 213 -6.35 -7.62 -28.12
N VAL B 214 -6.75 -7.65 -26.86
CA VAL B 214 -5.84 -8.05 -25.78
C VAL B 214 -6.27 -9.41 -25.26
N ALA B 215 -5.34 -10.37 -25.28
CA ALA B 215 -5.65 -11.72 -24.86
C ALA B 215 -5.42 -12.07 -23.40
N TYR B 216 -6.45 -12.64 -22.77
CA TYR B 216 -6.35 -13.10 -21.39
C TYR B 216 -6.58 -14.61 -21.46
N SER B 217 -6.02 -15.33 -20.50
CA SER B 217 -6.11 -16.79 -20.49
C SER B 217 -5.32 -17.29 -21.70
N ALA B 218 -4.37 -16.47 -22.14
CA ALA B 218 -3.51 -16.77 -23.28
C ALA B 218 -2.65 -18.01 -23.04
N LEU B 219 -2.53 -18.44 -21.79
CA LEU B 219 -1.75 -19.62 -21.45
C LEU B 219 -2.66 -20.79 -21.06
N GLY B 220 -3.96 -20.63 -21.29
CA GLY B 220 -4.89 -21.70 -20.98
C GLY B 220 -5.67 -21.54 -19.69
N SER B 221 -5.60 -20.35 -19.09
CA SER B 221 -6.30 -20.07 -17.85
C SER B 221 -5.68 -20.78 -16.64
N GLN B 222 -6.04 -20.31 -15.44
CA GLN B 222 -5.55 -20.88 -14.19
C GLN B 222 -6.30 -22.15 -13.84
N ARG B 223 -7.28 -22.51 -14.68
CA ARG B 223 -8.07 -23.72 -14.49
C ARG B 223 -8.69 -23.81 -13.10
N ASP B 224 -9.13 -22.67 -12.58
CA ASP B 224 -9.76 -22.63 -11.26
C ASP B 224 -10.96 -23.58 -11.29
N LYS B 225 -10.94 -24.57 -10.41
CA LYS B 225 -12.01 -25.55 -10.34
C LYS B 225 -13.38 -24.90 -10.10
N ARG B 226 -13.38 -23.61 -9.81
CA ARG B 226 -14.62 -22.88 -9.55
C ARG B 226 -15.38 -22.57 -10.83
N TRP B 227 -14.67 -22.50 -11.95
CA TRP B 227 -15.29 -22.21 -13.25
C TRP B 227 -14.94 -23.28 -14.27
N VAL B 228 -13.75 -23.18 -14.85
CA VAL B 228 -13.30 -24.15 -15.85
C VAL B 228 -13.26 -25.53 -15.22
N ASP B 229 -13.95 -26.49 -15.83
CA ASP B 229 -13.99 -27.85 -15.31
C ASP B 229 -12.75 -28.65 -15.72
N PRO B 230 -12.37 -29.65 -14.91
CA PRO B 230 -11.22 -30.54 -15.11
C PRO B 230 -11.08 -31.24 -16.46
N ASN B 231 -12.20 -31.73 -17.00
CA ASN B 231 -12.19 -32.44 -18.27
C ASN B 231 -11.69 -31.60 -19.45
N SER B 232 -11.43 -30.33 -19.21
CA SER B 232 -10.94 -29.44 -20.25
C SER B 232 -9.54 -29.84 -20.68
N PRO B 233 -9.25 -29.77 -21.98
CA PRO B 233 -7.90 -30.14 -22.43
C PRO B 233 -6.92 -29.06 -22.00
N VAL B 234 -5.80 -29.47 -21.41
CA VAL B 234 -4.80 -28.51 -20.96
C VAL B 234 -4.05 -27.94 -22.17
N LEU B 235 -4.19 -26.63 -22.35
CA LEU B 235 -3.56 -25.91 -23.46
C LEU B 235 -2.05 -26.11 -23.59
N LEU B 236 -1.33 -25.96 -22.49
CA LEU B 236 0.12 -26.09 -22.50
C LEU B 236 0.64 -27.51 -22.70
N GLU B 237 -0.27 -28.47 -22.78
CA GLU B 237 0.13 -29.86 -22.98
C GLU B 237 -0.11 -30.27 -24.43
N ASP B 238 -0.52 -29.30 -25.25
CA ASP B 238 -0.81 -29.56 -26.65
C ASP B 238 0.40 -30.09 -27.41
N PRO B 239 0.21 -31.20 -28.18
CA PRO B 239 1.27 -31.83 -28.97
C PRO B 239 1.96 -30.85 -29.92
N VAL B 240 1.15 -30.08 -30.65
CA VAL B 240 1.66 -29.10 -31.60
C VAL B 240 2.45 -28.00 -30.89
N LEU B 241 1.87 -27.49 -29.80
CA LEU B 241 2.54 -26.44 -29.03
C LEU B 241 3.84 -26.99 -28.46
N CYS B 242 3.79 -28.20 -27.92
CA CYS B 242 4.97 -28.85 -27.34
C CYS B 242 6.04 -29.18 -28.39
N ALA B 243 5.61 -29.54 -29.59
CA ALA B 243 6.56 -29.86 -30.65
C ALA B 243 7.28 -28.60 -31.08
N LEU B 244 6.54 -27.49 -31.19
CA LEU B 244 7.14 -26.23 -31.59
C LEU B 244 8.08 -25.74 -30.49
N ALA B 245 7.79 -26.13 -29.25
CA ALA B 245 8.61 -25.73 -28.11
C ALA B 245 9.99 -26.39 -28.28
N LYS B 246 10.00 -27.71 -28.43
CA LYS B 246 11.24 -28.46 -28.62
C LYS B 246 12.04 -27.91 -29.79
N LYS B 247 11.35 -27.63 -30.89
CA LYS B 247 12.00 -27.11 -32.08
C LYS B 247 12.71 -25.78 -31.82
N HIS B 248 12.01 -24.86 -31.16
CA HIS B 248 12.56 -23.54 -30.88
C HIS B 248 13.31 -23.47 -29.56
N LYS B 249 13.41 -24.62 -28.89
CA LYS B 249 14.11 -24.70 -27.61
C LYS B 249 13.46 -23.76 -26.60
N ARG B 250 12.14 -23.75 -26.58
CA ARG B 250 11.38 -22.91 -25.66
C ARG B 250 10.39 -23.79 -24.90
N THR B 251 9.27 -23.20 -24.48
CA THR B 251 8.25 -23.94 -23.75
C THR B 251 6.89 -23.68 -24.39
N PRO B 252 5.90 -24.55 -24.14
CA PRO B 252 4.57 -24.35 -24.71
C PRO B 252 4.05 -22.94 -24.44
N ALA B 253 4.22 -22.46 -23.20
CA ALA B 253 3.77 -21.13 -22.80
C ALA B 253 4.35 -20.02 -23.66
N LEU B 254 5.65 -20.09 -23.94
CA LEU B 254 6.30 -19.07 -24.76
C LEU B 254 5.80 -19.11 -26.21
N ILE B 255 5.51 -20.31 -26.71
CA ILE B 255 5.02 -20.44 -28.08
C ILE B 255 3.64 -19.77 -28.18
N ALA B 256 2.76 -20.09 -27.23
CA ALA B 256 1.41 -19.52 -27.21
C ALA B 256 1.43 -17.99 -27.16
N LEU B 257 2.40 -17.44 -26.43
CA LEU B 257 2.53 -15.98 -26.30
C LEU B 257 3.05 -15.37 -27.58
N ARG B 258 4.07 -15.99 -28.17
CA ARG B 258 4.68 -15.52 -29.41
C ARG B 258 3.63 -15.49 -30.52
N TYR B 259 2.82 -16.55 -30.55
CA TYR B 259 1.76 -16.68 -31.53
C TYR B 259 0.90 -15.40 -31.57
N GLN B 260 0.44 -14.98 -30.39
CA GLN B 260 -0.39 -13.77 -30.30
C GLN B 260 0.36 -12.54 -30.78
N LEU B 261 1.59 -12.37 -30.30
CA LEU B 261 2.36 -11.21 -30.71
C LEU B 261 2.49 -11.12 -32.22
N GLN B 262 2.73 -12.27 -32.86
CA GLN B 262 2.92 -12.30 -34.31
C GLN B 262 1.64 -12.10 -35.11
N ARG B 263 0.49 -12.29 -34.47
CA ARG B 263 -0.79 -12.08 -35.15
C ARG B 263 -1.38 -10.71 -34.76
N GLY B 264 -0.56 -9.88 -34.10
CA GLY B 264 -0.98 -8.55 -33.70
C GLY B 264 -1.82 -8.45 -32.43
N VAL B 265 -1.85 -9.51 -31.65
CA VAL B 265 -2.62 -9.53 -30.41
C VAL B 265 -1.72 -9.24 -29.21
N VAL B 266 -2.11 -8.26 -28.39
CA VAL B 266 -1.35 -7.93 -27.18
C VAL B 266 -1.67 -9.08 -26.23
N VAL B 267 -0.64 -9.64 -25.61
CA VAL B 267 -0.85 -10.78 -24.72
C VAL B 267 -0.56 -10.57 -23.24
N LEU B 268 -1.44 -11.09 -22.41
CA LEU B 268 -1.30 -11.02 -20.97
C LEU B 268 -0.81 -12.37 -20.50
N ALA B 269 -0.07 -12.39 -19.42
CA ALA B 269 0.42 -13.65 -18.87
C ALA B 269 0.47 -13.54 -17.36
N LYS B 270 -0.29 -14.40 -16.69
CA LYS B 270 -0.30 -14.40 -15.23
C LYS B 270 0.60 -15.50 -14.70
N SER B 271 1.36 -15.16 -13.67
CA SER B 271 2.23 -16.12 -13.01
C SER B 271 2.65 -15.55 -11.66
N TYR B 272 2.52 -16.36 -10.63
CA TYR B 272 2.92 -15.96 -9.31
C TYR B 272 4.17 -16.76 -8.96
N ASN B 273 4.81 -17.30 -9.99
CA ASN B 273 6.02 -18.08 -9.84
C ASN B 273 7.18 -17.25 -10.38
N GLU B 274 8.15 -16.96 -9.51
CA GLU B 274 9.30 -16.17 -9.90
C GLU B 274 10.06 -16.68 -11.12
N GLN B 275 10.27 -18.00 -11.19
CA GLN B 275 10.98 -18.59 -12.32
C GLN B 275 10.16 -18.45 -13.61
N ARG B 276 8.87 -18.72 -13.53
CA ARG B 276 8.03 -18.60 -14.71
C ARG B 276 7.83 -17.14 -15.11
N ILE B 277 7.82 -16.24 -14.13
CA ILE B 277 7.69 -14.82 -14.43
C ILE B 277 8.92 -14.39 -15.22
N ARG B 278 10.09 -14.86 -14.79
CA ARG B 278 11.36 -14.52 -15.43
C ARG B 278 11.52 -15.12 -16.82
N GLN B 279 10.93 -16.30 -17.01
CA GLN B 279 11.02 -16.98 -18.30
C GLN B 279 10.06 -16.39 -19.33
N ASN B 280 8.85 -16.04 -18.88
CA ASN B 280 7.84 -15.49 -19.78
C ASN B 280 8.29 -14.26 -20.58
N VAL B 281 9.28 -13.52 -20.08
CA VAL B 281 9.75 -12.35 -20.80
C VAL B 281 10.63 -12.73 -22.00
N GLN B 282 10.94 -14.02 -22.13
CA GLN B 282 11.76 -14.50 -23.25
C GLN B 282 10.96 -14.55 -24.56
N VAL B 283 9.68 -14.17 -24.50
CA VAL B 283 8.83 -14.18 -25.68
C VAL B 283 9.35 -13.27 -26.79
N PHE B 284 10.20 -12.31 -26.43
CA PHE B 284 10.77 -11.39 -27.40
C PHE B 284 12.06 -11.92 -27.99
N GLU B 285 12.58 -13.00 -27.41
CA GLU B 285 13.85 -13.56 -27.85
C GLU B 285 13.84 -14.46 -29.08
N PHE B 286 12.67 -14.73 -29.63
CA PHE B 286 12.56 -15.59 -30.80
C PHE B 286 11.28 -15.33 -31.58
N GLN B 287 11.16 -16.00 -32.73
CA GLN B 287 9.97 -15.88 -33.55
C GLN B 287 9.60 -17.20 -34.20
N LEU B 288 8.31 -17.32 -34.53
CA LEU B 288 7.78 -18.51 -35.17
C LEU B 288 7.72 -18.25 -36.67
N THR B 289 7.87 -19.30 -37.45
CA THR B 289 7.82 -19.13 -38.90
C THR B 289 6.37 -19.00 -39.34
N ALA B 290 6.18 -18.60 -40.58
CA ALA B 290 4.83 -18.45 -41.13
C ALA B 290 4.15 -19.81 -41.04
N GLU B 291 4.90 -20.88 -41.35
CA GLU B 291 4.34 -22.22 -41.31
C GLU B 291 4.04 -22.60 -39.86
N ASP B 292 4.84 -22.05 -38.93
CA ASP B 292 4.64 -22.29 -37.49
C ASP B 292 3.30 -21.68 -37.08
N MET B 293 3.09 -20.45 -37.51
CA MET B 293 1.87 -19.72 -37.20
C MET B 293 0.65 -20.48 -37.71
N LYS B 294 0.76 -21.01 -38.93
CA LYS B 294 -0.34 -21.75 -39.53
C LYS B 294 -0.65 -23.03 -38.74
N ALA B 295 0.39 -23.67 -38.23
CA ALA B 295 0.23 -24.89 -37.44
C ALA B 295 -0.59 -24.58 -36.18
N ILE B 296 -0.27 -23.46 -35.53
CA ILE B 296 -0.99 -23.05 -34.32
C ILE B 296 -2.43 -22.64 -34.67
N ASP B 297 -2.60 -21.94 -35.79
CA ASP B 297 -3.92 -21.52 -36.22
C ASP B 297 -4.83 -22.76 -36.32
N GLY B 298 -4.22 -23.87 -36.78
CA GLY B 298 -4.95 -25.12 -36.93
C GLY B 298 -5.47 -25.73 -35.65
N LEU B 299 -5.09 -25.15 -34.51
CA LEU B 299 -5.50 -25.63 -33.20
C LEU B 299 -6.87 -25.13 -32.74
N ASP B 300 -7.35 -24.06 -33.38
CA ASP B 300 -8.64 -23.46 -33.03
C ASP B 300 -9.78 -24.48 -32.91
N ARG B 301 -10.42 -24.49 -31.74
CA ARG B 301 -11.53 -25.41 -31.47
C ARG B 301 -12.70 -24.68 -30.84
N ASN B 302 -12.62 -23.37 -30.77
CA ASN B 302 -13.68 -22.56 -30.17
C ASN B 302 -13.98 -23.01 -28.75
N LEU B 303 -12.93 -23.27 -27.97
CA LEU B 303 -13.10 -23.72 -26.60
C LEU B 303 -12.95 -22.59 -25.60
N HIS B 304 -14.00 -22.37 -24.79
CA HIS B 304 -13.99 -21.34 -23.76
C HIS B 304 -13.62 -22.01 -22.44
N TYR B 305 -12.56 -21.53 -21.79
CA TYR B 305 -12.16 -22.11 -20.52
C TYR B 305 -13.10 -21.68 -19.40
N PHE B 306 -13.52 -20.42 -19.43
CA PHE B 306 -14.44 -19.93 -18.40
C PHE B 306 -15.85 -20.46 -18.65
N ASN B 307 -16.45 -21.06 -17.63
CA ASN B 307 -17.80 -21.61 -17.72
C ASN B 307 -18.81 -20.55 -17.30
N SER B 308 -19.24 -19.74 -18.27
CA SER B 308 -20.20 -18.66 -18.02
C SER B 308 -21.63 -19.10 -18.28
N ASP B 309 -21.88 -20.40 -18.19
CA ASP B 309 -23.21 -20.96 -18.43
C ASP B 309 -24.30 -20.32 -17.58
N SER B 310 -23.95 -19.93 -16.36
CA SER B 310 -24.90 -19.32 -15.43
C SER B 310 -25.35 -17.91 -15.82
N PHE B 311 -24.55 -17.21 -16.62
CA PHE B 311 -24.88 -15.86 -17.05
C PHE B 311 -25.47 -15.80 -18.44
N ALA B 312 -25.73 -16.97 -19.02
CA ALA B 312 -26.28 -17.05 -20.37
C ALA B 312 -27.61 -16.30 -20.46
N SER B 313 -28.36 -16.31 -19.37
CA SER B 313 -29.66 -15.63 -19.33
C SER B 313 -29.52 -14.11 -19.37
N HIS B 314 -28.42 -13.58 -18.86
CA HIS B 314 -28.20 -12.14 -18.85
C HIS B 314 -28.37 -11.58 -20.27
N PRO B 315 -29.20 -10.53 -20.40
CA PRO B 315 -29.45 -9.91 -21.71
C PRO B 315 -28.18 -9.54 -22.47
N ASN B 316 -27.14 -9.16 -21.72
CA ASN B 316 -25.89 -8.76 -22.34
C ASN B 316 -24.85 -9.88 -22.46
N TYR B 317 -25.31 -11.12 -22.42
CA TYR B 317 -24.40 -12.26 -22.57
C TYR B 317 -23.71 -12.12 -23.93
N PRO B 318 -22.37 -12.01 -23.93
CA PRO B 318 -21.61 -11.85 -25.18
C PRO B 318 -21.34 -13.07 -26.03
N TYR B 319 -21.55 -14.26 -25.48
CA TYR B 319 -21.28 -15.49 -26.22
C TYR B 319 -22.48 -16.09 -26.92
N SER B 320 -23.52 -15.30 -27.11
CA SER B 320 -24.72 -15.79 -27.79
C SER B 320 -24.56 -15.62 -29.30
N ASP B 321 -23.71 -14.67 -29.70
CA ASP B 321 -23.45 -14.40 -31.11
C ASP B 321 -22.29 -15.25 -31.62
N GLU B 322 -22.13 -15.32 -32.94
CA GLU B 322 -21.04 -16.09 -33.53
C GLU B 322 -19.70 -15.51 -33.06
N TYR B 323 -19.67 -14.19 -32.91
CA TYR B 323 -18.49 -13.49 -32.45
C TYR B 323 -18.85 -12.03 -32.22
PA NAP C . 11.31 -0.81 18.37
O1A NAP C . 10.67 -0.96 17.11
O2A NAP C . 12.40 0.17 18.70
O5B NAP C . 11.81 -2.22 18.83
C5B NAP C . 12.96 -2.82 18.31
C4B NAP C . 12.91 -4.20 19.01
O4B NAP C . 14.11 -4.80 18.47
C3B NAP C . 13.11 -4.14 20.55
O3B NAP C . 12.04 -4.88 21.14
C2B NAP C . 14.46 -4.75 20.82
O2B NAP C . 14.48 -5.88 21.66
C1B NAP C . 15.07 -5.12 19.45
N9A NAP C . 16.29 -4.38 19.24
C8A NAP C . 16.69 -3.12 19.66
N7A NAP C . 17.90 -2.77 19.24
C5A NAP C . 18.31 -3.88 18.51
C6A NAP C . 19.51 -4.12 17.83
N6A NAP C . 20.55 -3.28 17.73
N1A NAP C . 19.63 -5.35 17.16
C2A NAP C . 18.60 -6.30 17.20
N3A NAP C . 17.41 -6.10 17.87
C4A NAP C . 17.31 -4.87 18.51
O3 NAP C . 10.26 -0.68 19.52
PN NAP C . 8.83 -0.09 19.73
O1N NAP C . 8.48 -0.25 21.15
O2N NAP C . 7.92 -0.72 18.74
O5D NAP C . 9.01 1.44 19.44
C5D NAP C . 10.12 2.15 20.03
C4D NAP C . 9.62 3.16 21.03
O4D NAP C . 8.80 4.24 20.47
C3D NAP C . 8.80 2.64 22.27
O3D NAP C . 9.60 2.05 23.31
C2D NAP C . 8.03 3.86 22.69
O2D NAP C . 8.81 4.73 23.50
C1D NAP C . 7.69 4.51 21.39
N1N NAP C . 6.34 4.15 20.78
C2N NAP C . 5.37 5.18 20.61
C3N NAP C . 4.12 4.85 20.09
C7N NAP C . 3.09 5.98 19.92
O7N NAP C . 1.99 5.66 19.51
N7N NAP C . 3.37 7.21 20.24
C4N NAP C . 3.79 3.46 19.72
C5N NAP C . 4.79 2.47 19.88
C6N NAP C . 6.09 2.79 20.43
P2B NAP C . 15.48 -5.97 22.94
O1X NAP C . 14.80 -5.14 24.04
O2X NAP C . 15.49 -7.43 23.21
O3X NAP C . 16.78 -5.35 22.50
C1 PG2 D . -5.46 1.11 26.28
C2 PG2 D . -5.28 -0.11 25.44
C3 PG2 D . -4.67 0.07 24.06
C4 PG2 D . -3.17 -0.17 24.00
C5 PG2 D . -2.76 -0.29 22.56
C6 PG2 D . -1.49 -0.42 22.09
C7 PG2 D . -0.21 -0.50 22.70
C8 PG2 D . 0.41 0.80 23.19
C9 PG2 D . 1.62 0.67 24.07
C10 PG2 D . 2.76 1.32 23.45
C11 PG2 D . 2.15 2.48 22.76
C12 PG2 D . 0.86 1.85 22.08
C13 PG2 D . -0.18 2.81 21.74
C14 PG2 D . -0.69 3.11 20.58
C15 PG2 D . -1.74 4.11 20.37
C16 PG2 D . -1.80 4.69 18.91
C17 PG2 D . -2.44 3.77 17.90
C18 PG2 D . -2.78 4.63 16.61
C19 PG2 D . -2.55 3.95 15.37
C20 PG2 D . -3.90 3.50 14.67
O1 PG2 D . -6.38 1.84 26.02
O2 PG2 D . -4.51 1.38 27.04
O3 PG2 D . 1.95 -0.63 24.49
O4 PG2 D . 2.53 3.64 22.69
O5 PG2 D . -1.53 5.22 21.27
PA NAP E . -3.12 -17.19 -17.76
O1A NAP E . -3.91 -17.89 -18.69
O2A NAP E . -2.05 -16.19 -18.07
O5B NAP E . -2.49 -18.25 -16.77
C5B NAP E . -1.40 -19.03 -17.18
C4B NAP E . -1.32 -20.02 -15.99
O4B NAP E . -0.18 -20.82 -16.39
C3B NAP E . -0.93 -19.34 -14.66
O3B NAP E . -1.87 -19.78 -13.69
C2B NAP E . 0.48 -19.79 -14.35
O2B NAP E . 0.65 -20.46 -13.13
C1B NAP E . 0.91 -20.72 -15.52
N9A NAP E . 2.08 -20.18 -16.18
C8A NAP E . 2.52 -18.88 -16.39
N7A NAP E . 3.65 -18.79 -17.06
C5A NAP E . 3.97 -20.12 -17.30
C6A NAP E . 5.07 -20.68 -17.98
N6A NAP E . 6.09 -20.02 -18.55
N1A NAP E . 5.12 -22.09 -18.07
C2A NAP E . 4.10 -22.89 -17.51
N3A NAP E . 3.01 -22.37 -16.84
C4A NAP E . 2.99 -20.98 -16.76
O3 NAP E . -4.00 -16.52 -16.65
PN NAP E . -5.46 -15.95 -16.57
O1N NAP E . -5.75 -15.58 -15.17
O2N NAP E . -6.33 -16.97 -17.18
O5D NAP E . -5.40 -14.62 -17.41
C5D NAP E . -4.21 -13.80 -17.33
C4D NAP E . -4.57 -12.43 -16.81
O4D NAP E . -5.50 -11.70 -17.64
C3D NAP E . -5.15 -12.33 -15.35
O3D NAP E . -4.15 -12.34 -14.32
C2D NAP E . -5.96 -11.04 -15.40
O2D NAP E . -5.16 -9.90 -15.16
C1D NAP E . -6.49 -11.02 -16.80
N1N NAP E . -7.88 -11.59 -17.00
C2N NAP E . -8.92 -10.74 -17.40
C3N NAP E . -10.20 -11.25 -17.54
C7N NAP E . -11.32 -10.30 -17.98
O7N NAP E . -12.42 -10.78 -18.06
N7N NAP E . -11.08 -9.05 -18.24
C4N NAP E . -10.50 -12.67 -17.27
C5N NAP E . -9.41 -13.51 -16.87
C6N NAP E . -8.10 -12.99 -16.72
P2B NAP E . 1.72 -19.96 -12.03
O1X NAP E . 1.13 -18.69 -11.43
O2X NAP E . 1.71 -21.14 -11.11
O3X NAP E . 3.01 -19.68 -12.77
C1 PG2 F . -19.21 -12.53 -11.58
C2 PG2 F . -18.54 -13.73 -11.01
C3 PG2 F . -17.03 -13.80 -11.16
C4 PG2 F . -16.45 -15.20 -10.91
C5 PG2 F . -16.12 -15.85 -12.23
C6 PG2 F . -14.88 -15.93 -12.81
C7 PG2 F . -13.59 -15.48 -12.44
C8 PG2 F . -13.36 -13.99 -12.52
C9 PG2 F . -12.39 -13.39 -11.57
C10 PG2 F . -11.14 -13.16 -12.25
C11 PG2 F . -11.57 -12.61 -13.57
C12 PG2 F . -12.90 -13.43 -13.93
C13 PG2 F . -13.94 -12.65 -14.55
C14 PG2 F . -14.51 -12.76 -15.72
C15 PG2 F . -15.56 -11.85 -16.16
C16 PG2 F . -16.66 -12.50 -17.13
C17 PG2 F . -16.14 -12.96 -18.46
C18 PG2 F . -17.33 -12.88 -19.53
C19 PG2 F . -17.48 -14.03 -20.36
C20 PG2 F . -19.00 -14.36 -20.67
O1 PG2 F . -19.65 -12.59 -12.69
O2 PG2 F . -19.41 -11.61 -10.76
O3 PG2 F . -12.19 -14.07 -10.34
O4 PG2 F . -11.06 -11.73 -14.25
O5 PG2 F . -14.94 -10.74 -16.86
#